data_8GLC
#
_entry.id   8GLC
#
_cell.length_a   261.925
_cell.length_b   261.925
_cell.length_c   261.925
_cell.angle_alpha   90.000
_cell.angle_beta   90.000
_cell.angle_gamma   90.000
#
_symmetry.space_group_name_H-M   'I 41 3 2'
#
loop_
_entity.id
_entity.type
_entity.pdbx_description
1 polymer 'Non-ribosomal peptide synthetase'
2 polymer 'MbtH-like short polypeptide'
#
loop_
_entity_poly.entity_id
_entity_poly.type
_entity_poly.pdbx_seq_one_letter_code
_entity_poly.pdbx_strand_id
1 'polypeptide(L)'
;MVLELFARHVDRTPDAVAVVDGDRVLTYRQLDELAGRLSGRLISRGVRRGDRVAVMMDRSADLLVALLAVWKAGAAYVPV
DAAYPARRVAFMVADSGASLMVCSVATRDGVPEGIESIVVDAATDEGACDASAVTVRPGDLAYVMYTSGSTGTPKGVAVP
HRSLAELVGNSGWAMEPGEAVLMHAPYAFDASMFEIWVPLVWGARVVIAGPGPVDARRLREAVAAGVTRAYLTAGSFRAV
AEESPESFAGLREVQTGGDLVPAHAVERVREACPRARIRHLYGPTEATVWATWHLLEPGDVMGPVLPIGRPLSGRRAHVL
DESLRPVGPGVVGELYLSGAGLADGYLNRAGLTAERFVADPSAPGKRMYRTGDLAQWTADGELLFAGRVDHQGSHHHHHH
;
B,A
2 'polypeptide(L)' MTNPFDNEDGSFLVLVNGEGQHSLWPAFAEVPDGWTGVHGPASRQDCLGYVEQNWTDLRPKSLISQISD D,C
#
# COMPACT_ATOMS: atom_id res chain seq x y z
N MET A 1 -7.90 7.14 -1.28
CA MET A 1 -8.68 5.87 -1.25
C MET A 1 -10.13 6.17 -0.93
N VAL A 2 -11.01 5.90 -1.89
CA VAL A 2 -12.43 6.25 -1.75
C VAL A 2 -13.01 5.69 -0.47
N LEU A 3 -12.72 4.42 -0.17
CA LEU A 3 -13.32 3.80 1.01
C LEU A 3 -12.92 4.54 2.29
N GLU A 4 -11.65 4.95 2.39
CA GLU A 4 -11.19 5.59 3.61
C GLU A 4 -11.84 6.95 3.78
N LEU A 5 -11.95 7.72 2.69
CA LEU A 5 -12.59 9.03 2.75
C LEU A 5 -14.08 8.90 3.02
N PHE A 6 -14.75 7.97 2.34
CA PHE A 6 -16.17 7.74 2.59
C PHE A 6 -16.43 7.43 4.06
N ALA A 7 -15.57 6.60 4.66
CA ALA A 7 -15.76 6.23 6.06
C ALA A 7 -15.73 7.46 6.96
N ARG A 8 -14.87 8.43 6.64
CA ARG A 8 -14.83 9.64 7.45
C ARG A 8 -16.18 10.35 7.48
N HIS A 9 -16.78 10.53 6.30
CA HIS A 9 -18.05 11.24 6.21
C HIS A 9 -19.19 10.43 6.80
N VAL A 10 -19.04 9.10 6.88
CA VAL A 10 -20.01 8.30 7.61
C VAL A 10 -19.87 8.55 9.11
N ASP A 11 -18.65 8.84 9.58
CA ASP A 11 -18.44 9.14 10.99
C ASP A 11 -18.91 10.56 11.34
N ARG A 12 -18.47 11.55 10.56
CA ARG A 12 -18.76 12.94 10.91
C ARG A 12 -20.22 13.32 10.63
N THR A 13 -20.79 12.81 9.53
CA THR A 13 -22.16 13.16 9.14
C THR A 13 -22.87 11.91 8.63
N PRO A 14 -23.20 10.99 9.53
CA PRO A 14 -23.87 9.76 9.08
C PRO A 14 -25.26 10.00 8.51
N ASP A 15 -25.98 11.00 9.03
CA ASP A 15 -27.36 11.23 8.63
C ASP A 15 -27.48 12.14 7.42
N ALA A 16 -26.36 12.53 6.80
CA ALA A 16 -26.38 13.35 5.61
C ALA A 16 -26.77 12.50 4.39
N VAL A 17 -27.40 13.16 3.41
CA VAL A 17 -27.79 12.48 2.20
C VAL A 17 -26.57 12.17 1.36
N ALA A 18 -26.49 10.93 0.86
CA ALA A 18 -25.46 10.51 -0.07
C ALA A 18 -25.97 10.41 -1.51
N VAL A 19 -27.12 9.77 -1.70
CA VAL A 19 -27.67 9.53 -3.02
C VAL A 19 -29.14 9.99 -3.03
N VAL A 20 -29.52 10.67 -4.11
CA VAL A 20 -30.92 10.98 -4.39
C VAL A 20 -31.21 10.38 -5.75
N ASP A 21 -31.81 9.20 -5.78
CA ASP A 21 -32.15 8.50 -7.01
C ASP A 21 -33.66 8.30 -7.05
N GLY A 22 -34.35 9.18 -7.76
CA GLY A 22 -35.79 9.09 -7.86
C GLY A 22 -36.47 9.05 -6.51
N ASP A 23 -37.24 7.99 -6.26
CA ASP A 23 -37.90 7.84 -4.98
C ASP A 23 -36.92 7.46 -3.87
N ARG A 24 -35.78 6.89 -4.22
CA ARG A 24 -34.86 6.33 -3.23
C ARG A 24 -33.92 7.42 -2.75
N VAL A 25 -33.76 7.55 -1.43
CA VAL A 25 -32.80 8.47 -0.83
C VAL A 25 -32.03 7.73 0.26
N LEU A 26 -30.71 7.79 0.19
CA LEU A 26 -29.82 7.05 1.07
C LEU A 26 -28.92 8.01 1.81
N THR A 27 -28.85 7.88 3.13
CA THR A 27 -27.87 8.62 3.91
C THR A 27 -26.51 7.92 3.81
N TYR A 28 -25.47 8.61 4.30
CA TYR A 28 -24.15 8.00 4.35
C TYR A 28 -24.17 6.73 5.19
N ARG A 29 -24.91 6.75 6.29
CA ARG A 29 -25.00 5.57 7.14
C ARG A 29 -25.72 4.42 6.42
N GLN A 30 -26.87 4.73 5.82
CA GLN A 30 -27.63 3.72 5.12
C GLN A 30 -26.78 3.07 4.03
N LEU A 31 -26.15 3.90 3.20
CA LEU A 31 -25.33 3.37 2.11
C LEU A 31 -24.22 2.48 2.66
N ASP A 32 -23.65 2.85 3.80
CA ASP A 32 -22.59 2.03 4.40
C ASP A 32 -23.15 0.69 4.88
N GLU A 33 -24.27 0.71 5.61
CA GLU A 33 -24.83 -0.51 6.15
C GLU A 33 -25.27 -1.45 5.04
N LEU A 34 -25.99 -0.92 4.04
CA LEU A 34 -26.44 -1.75 2.94
C LEU A 34 -25.25 -2.41 2.22
N ALA A 35 -24.17 -1.65 2.02
CA ALA A 35 -22.99 -2.22 1.38
C ALA A 35 -22.31 -3.23 2.29
N GLY A 36 -22.23 -2.94 3.58
CA GLY A 36 -21.64 -3.89 4.51
C GLY A 36 -22.36 -5.23 4.51
N ARG A 37 -23.70 -5.18 4.49
CA ARG A 37 -24.47 -6.42 4.47
C ARG A 37 -24.22 -7.19 3.18
N LEU A 38 -24.33 -6.49 2.04
CA LEU A 38 -24.08 -7.14 0.75
C LEU A 38 -22.64 -7.63 0.67
N SER A 39 -21.70 -6.88 1.25
CA SER A 39 -20.32 -7.33 1.27
C SER A 39 -20.20 -8.67 1.99
N GLY A 40 -20.86 -8.80 3.13
CA GLY A 40 -20.86 -10.07 3.83
C GLY A 40 -21.42 -11.20 3.00
N ARG A 41 -22.49 -10.92 2.24
CA ARG A 41 -23.05 -11.94 1.36
C ARG A 41 -22.04 -12.36 0.30
N LEU A 42 -21.31 -11.38 -0.27
CA LEU A 42 -20.30 -11.70 -1.27
C LEU A 42 -19.21 -12.59 -0.68
N ILE A 43 -18.78 -12.29 0.55
CA ILE A 43 -17.75 -13.10 1.19
C ILE A 43 -18.26 -14.52 1.44
N SER A 44 -19.55 -14.66 1.75
CA SER A 44 -20.10 -16.00 1.99
C SER A 44 -20.13 -16.81 0.71
N ARG A 45 -20.57 -16.21 -0.39
CA ARG A 45 -20.67 -16.89 -1.68
C ARG A 45 -19.30 -17.06 -2.34
N GLY A 46 -18.21 -16.70 -1.65
CA GLY A 46 -16.87 -17.02 -2.07
C GLY A 46 -16.01 -15.91 -2.63
N VAL A 47 -16.40 -14.65 -2.45
CA VAL A 47 -15.63 -13.53 -2.98
C VAL A 47 -14.41 -13.29 -2.10
N ARG A 48 -13.22 -13.38 -2.69
CA ARG A 48 -11.95 -13.17 -2.02
C ARG A 48 -11.24 -11.96 -2.62
N ARG A 49 -10.22 -11.49 -1.91
CA ARG A 49 -9.42 -10.37 -2.42
C ARG A 49 -8.91 -10.68 -3.82
N GLY A 50 -8.91 -9.66 -4.67
CA GLY A 50 -8.44 -9.79 -6.03
C GLY A 50 -9.43 -10.41 -6.99
N ASP A 51 -10.45 -11.12 -6.50
CA ASP A 51 -11.50 -11.59 -7.37
C ASP A 51 -12.20 -10.41 -8.04
N ARG A 52 -12.86 -10.70 -9.15
CA ARG A 52 -13.60 -9.71 -9.92
C ARG A 52 -15.08 -10.06 -9.93
N VAL A 53 -15.91 -9.06 -9.62
CA VAL A 53 -17.36 -9.23 -9.50
C VAL A 53 -18.02 -8.39 -10.58
N ALA A 54 -18.84 -9.04 -11.40
CA ALA A 54 -19.62 -8.34 -12.42
C ALA A 54 -20.92 -7.83 -11.81
N VAL A 55 -21.26 -6.58 -12.13
CA VAL A 55 -22.44 -5.92 -11.58
C VAL A 55 -23.25 -5.33 -12.73
N MET A 56 -24.52 -5.70 -12.80
CA MET A 56 -25.44 -5.29 -13.86
C MET A 56 -26.76 -4.86 -13.23
N MET A 57 -26.91 -3.56 -12.98
CA MET A 57 -28.08 -3.06 -12.28
C MET A 57 -28.64 -1.82 -12.95
N ASP A 58 -29.97 -1.69 -12.90
CA ASP A 58 -30.63 -0.57 -13.54
C ASP A 58 -30.39 0.73 -12.79
N ARG A 59 -30.74 0.74 -11.50
CA ARG A 59 -30.76 1.98 -10.74
C ARG A 59 -29.39 2.32 -10.16
N SER A 60 -29.10 3.62 -10.14
CA SER A 60 -27.83 4.11 -9.63
C SER A 60 -27.72 3.89 -8.12
N ALA A 61 -28.82 4.11 -7.39
CA ALA A 61 -28.80 3.88 -5.95
C ALA A 61 -28.30 2.48 -5.62
N ASP A 62 -28.81 1.47 -6.33
CA ASP A 62 -28.30 0.12 -6.12
C ASP A 62 -26.85 0.04 -6.56
N LEU A 63 -26.49 0.72 -7.64
CA LEU A 63 -25.16 0.62 -8.21
C LEU A 63 -24.10 0.98 -7.17
N LEU A 64 -24.35 2.02 -6.39
CA LEU A 64 -23.37 2.44 -5.38
C LEU A 64 -23.23 1.39 -4.27
N VAL A 65 -24.35 0.81 -3.81
CA VAL A 65 -24.28 -0.23 -2.78
C VAL A 65 -23.39 -1.37 -3.24
N ALA A 66 -23.65 -1.89 -4.44
CA ALA A 66 -22.85 -2.99 -4.96
C ALA A 66 -21.37 -2.62 -5.01
N LEU A 67 -21.06 -1.43 -5.53
CA LEU A 67 -19.68 -0.98 -5.63
C LEU A 67 -18.95 -1.03 -4.30
N LEU A 68 -19.49 -0.36 -3.29
CA LEU A 68 -18.86 -0.36 -1.97
C LEU A 68 -18.76 -1.78 -1.42
N ALA A 69 -19.77 -2.61 -1.67
CA ALA A 69 -19.73 -3.98 -1.17
C ALA A 69 -18.57 -4.76 -1.80
N VAL A 70 -18.38 -4.61 -3.11
CA VAL A 70 -17.26 -5.27 -3.78
C VAL A 70 -15.94 -4.82 -3.16
N TRP A 71 -15.78 -3.51 -2.99
CA TRP A 71 -14.55 -2.99 -2.40
C TRP A 71 -14.38 -3.43 -0.95
N LYS A 72 -15.48 -3.58 -0.21
CA LYS A 72 -15.38 -4.03 1.17
C LYS A 72 -14.86 -5.46 1.25
N ALA A 73 -15.23 -6.31 0.29
CA ALA A 73 -14.68 -7.65 0.24
C ALA A 73 -13.22 -7.66 -0.20
N GLY A 74 -12.73 -6.55 -0.76
CA GLY A 74 -11.41 -6.51 -1.35
C GLY A 74 -11.38 -6.85 -2.83
N ALA A 75 -12.54 -7.05 -3.45
CA ALA A 75 -12.61 -7.45 -4.84
C ALA A 75 -12.61 -6.24 -5.76
N ALA A 76 -12.63 -6.50 -7.06
CA ALA A 76 -12.68 -5.47 -8.10
C ALA A 76 -13.99 -5.54 -8.84
N TYR A 77 -14.45 -4.37 -9.29
CA TYR A 77 -15.79 -4.17 -9.84
C TYR A 77 -15.74 -4.17 -11.35
N VAL A 78 -16.53 -5.03 -11.98
CA VAL A 78 -16.63 -5.06 -13.44
C VAL A 78 -18.01 -4.52 -13.82
N PRO A 79 -18.11 -3.28 -14.31
CA PRO A 79 -19.43 -2.74 -14.65
C PRO A 79 -19.97 -3.37 -15.93
N VAL A 80 -21.16 -3.93 -15.84
CA VAL A 80 -21.87 -4.49 -16.98
C VAL A 80 -23.17 -3.73 -17.15
N ASP A 81 -23.48 -3.33 -18.38
CA ASP A 81 -24.67 -2.56 -18.69
C ASP A 81 -25.77 -3.53 -19.14
N ALA A 82 -26.94 -3.42 -18.52
CA ALA A 82 -28.04 -4.32 -18.85
C ALA A 82 -28.37 -4.29 -20.34
N ALA A 83 -28.09 -3.17 -21.01
CA ALA A 83 -28.44 -3.05 -22.42
C ALA A 83 -27.59 -3.95 -23.31
N TYR A 84 -26.36 -4.27 -22.90
CA TYR A 84 -25.46 -5.00 -23.77
C TYR A 84 -26.07 -6.34 -24.19
N PRO A 85 -25.82 -6.80 -25.42
CA PRO A 85 -26.24 -8.15 -25.80
C PRO A 85 -25.52 -9.22 -24.99
N ALA A 86 -26.11 -10.41 -24.95
CA ALA A 86 -25.54 -11.49 -24.16
C ALA A 86 -24.17 -11.91 -24.68
N ARG A 87 -23.90 -11.70 -25.98
CA ARG A 87 -22.55 -11.96 -26.49
C ARG A 87 -21.54 -11.08 -25.75
N ARG A 88 -21.81 -9.78 -25.69
CA ARG A 88 -20.98 -8.87 -24.91
C ARG A 88 -20.90 -9.30 -23.45
N VAL A 89 -22.06 -9.45 -22.81
CA VAL A 89 -22.09 -9.71 -21.36
C VAL A 89 -21.33 -11.00 -21.03
N ALA A 90 -21.55 -12.05 -21.80
CA ALA A 90 -20.85 -13.31 -21.53
C ALA A 90 -19.35 -13.13 -21.70
N PHE A 91 -18.93 -12.42 -22.76
CA PHE A 91 -17.51 -12.23 -22.99
C PHE A 91 -16.87 -11.40 -21.88
N MET A 92 -17.52 -10.31 -21.47
CA MET A 92 -16.94 -9.46 -20.42
C MET A 92 -16.75 -10.26 -19.14
N VAL A 93 -17.69 -11.15 -18.81
CA VAL A 93 -17.54 -11.98 -17.63
C VAL A 93 -16.43 -13.01 -17.83
N ALA A 94 -16.27 -13.50 -19.07
CA ALA A 94 -15.20 -14.46 -19.34
C ALA A 94 -13.84 -13.78 -19.31
N ASP A 95 -13.71 -12.63 -19.98
CA ASP A 95 -12.42 -11.95 -20.04
C ASP A 95 -11.97 -11.53 -18.64
N SER A 96 -12.87 -10.89 -17.88
CA SER A 96 -12.52 -10.46 -16.54
C SER A 96 -12.16 -11.65 -15.65
N GLY A 97 -12.81 -12.79 -15.86
CA GLY A 97 -12.66 -13.91 -14.96
C GLY A 97 -13.48 -13.77 -13.71
N ALA A 98 -14.68 -13.22 -13.82
CA ALA A 98 -15.57 -13.05 -12.68
C ALA A 98 -16.34 -14.33 -12.43
N SER A 99 -16.36 -14.77 -11.17
CA SER A 99 -17.08 -15.99 -10.81
C SER A 99 -18.56 -15.72 -10.53
N LEU A 100 -18.86 -14.57 -9.94
CA LEU A 100 -20.20 -14.21 -9.50
C LEU A 100 -20.63 -12.90 -10.13
N MET A 101 -21.92 -12.79 -10.44
CA MET A 101 -22.51 -11.59 -10.99
C MET A 101 -23.59 -11.07 -10.04
N VAL A 102 -23.49 -9.79 -9.69
CA VAL A 102 -24.48 -9.15 -8.83
C VAL A 102 -25.50 -8.45 -9.72
N CYS A 103 -26.78 -8.63 -9.40
CA CYS A 103 -27.85 -8.13 -10.24
C CYS A 103 -29.03 -7.73 -9.37
N SER A 104 -29.98 -7.04 -9.99
CA SER A 104 -31.29 -6.79 -9.39
C SER A 104 -32.31 -7.76 -9.97
N VAL A 105 -33.52 -7.73 -9.41
CA VAL A 105 -34.59 -8.56 -9.94
C VAL A 105 -34.84 -8.24 -11.41
N ALA A 106 -34.79 -6.96 -11.77
CA ALA A 106 -35.05 -6.56 -13.14
C ALA A 106 -33.97 -7.09 -14.09
N THR A 107 -32.72 -7.05 -13.65
CA THR A 107 -31.59 -7.40 -14.51
C THR A 107 -31.17 -8.86 -14.41
N ARG A 108 -31.79 -9.63 -13.50
CA ARG A 108 -31.40 -11.02 -13.32
C ARG A 108 -31.45 -11.81 -14.62
N ASP A 109 -32.32 -11.41 -15.55
CA ASP A 109 -32.45 -12.12 -16.80
C ASP A 109 -31.16 -12.08 -17.61
N GLY A 110 -30.36 -11.02 -17.45
CA GLY A 110 -29.15 -10.87 -18.22
C GLY A 110 -28.00 -11.76 -17.79
N VAL A 111 -28.06 -12.30 -16.58
CA VAL A 111 -26.96 -13.11 -16.07
C VAL A 111 -26.69 -14.27 -17.01
N PRO A 112 -25.49 -14.37 -17.57
CA PRO A 112 -25.20 -15.49 -18.49
C PRO A 112 -25.26 -16.83 -17.78
N GLU A 113 -25.44 -17.88 -18.58
CA GLU A 113 -25.49 -19.23 -18.04
C GLU A 113 -24.15 -19.59 -17.42
N GLY A 114 -24.18 -20.30 -16.29
CA GLY A 114 -22.96 -20.70 -15.63
C GLY A 114 -22.33 -19.65 -14.74
N ILE A 115 -23.04 -18.58 -14.42
CA ILE A 115 -22.54 -17.53 -13.54
C ILE A 115 -23.36 -17.56 -12.26
N GLU A 116 -22.69 -17.73 -11.11
CA GLU A 116 -23.40 -17.61 -9.85
C GLU A 116 -23.96 -16.21 -9.73
N SER A 117 -25.18 -16.10 -9.20
CA SER A 117 -25.89 -14.84 -9.14
C SER A 117 -26.25 -14.50 -7.71
N ILE A 118 -26.07 -13.24 -7.36
CA ILE A 118 -26.59 -12.66 -6.12
C ILE A 118 -27.49 -11.51 -6.53
N VAL A 119 -28.65 -11.42 -5.90
CA VAL A 119 -29.60 -10.34 -6.17
C VAL A 119 -29.59 -9.42 -4.96
N VAL A 120 -29.30 -8.14 -5.21
CA VAL A 120 -29.25 -7.18 -4.12
C VAL A 120 -30.62 -7.07 -3.45
N ASP A 121 -31.69 -7.10 -4.25
CA ASP A 121 -33.02 -6.85 -3.71
C ASP A 121 -33.40 -7.90 -2.67
N ALA A 122 -33.42 -9.17 -3.07
CA ALA A 122 -33.86 -10.25 -2.19
C ALA A 122 -33.08 -10.29 -0.88
N CYS A 129 -25.38 -11.92 10.78
CA CYS A 129 -24.38 -11.05 10.16
C CYS A 129 -22.97 -11.46 10.55
N ASP A 130 -22.10 -11.59 9.55
CA ASP A 130 -20.70 -11.93 9.75
C ASP A 130 -19.84 -10.69 9.50
N ALA A 131 -18.69 -10.64 10.17
CA ALA A 131 -17.79 -9.49 10.08
C ALA A 131 -16.43 -9.93 9.56
N SER A 132 -15.98 -9.28 8.49
CA SER A 132 -14.66 -9.49 7.91
C SER A 132 -13.83 -8.23 8.12
N ALA A 133 -12.51 -8.40 8.12
CA ALA A 133 -11.58 -7.28 8.21
C ALA A 133 -10.44 -7.54 7.23
N VAL A 134 -10.50 -6.87 6.07
CA VAL A 134 -9.59 -7.10 4.96
C VAL A 134 -8.61 -5.95 4.80
N THR A 135 -7.37 -6.28 4.42
CA THR A 135 -6.32 -5.32 4.15
C THR A 135 -6.12 -5.17 2.65
N VAL A 136 -6.20 -3.93 2.16
CA VAL A 136 -6.07 -3.63 0.74
C VAL A 136 -4.92 -2.65 0.53
N ARG A 137 -4.32 -2.71 -0.67
CA ARG A 137 -3.22 -1.80 -1.01
C ARG A 137 -3.57 -0.98 -2.25
N PRO A 138 -3.01 0.22 -2.39
CA PRO A 138 -3.38 1.08 -3.52
C PRO A 138 -3.18 0.45 -4.89
N GLY A 139 -2.28 -0.52 -5.02
CA GLY A 139 -2.06 -1.15 -6.30
C GLY A 139 -3.15 -2.11 -6.70
N ASP A 140 -3.91 -2.63 -5.74
CA ASP A 140 -4.98 -3.56 -6.05
C ASP A 140 -5.97 -2.92 -7.02
N LEU A 141 -6.59 -3.77 -7.83
CA LEU A 141 -7.54 -3.26 -8.83
C LEU A 141 -8.86 -2.91 -8.18
N ALA A 142 -9.40 -1.74 -8.56
CA ALA A 142 -10.73 -1.33 -8.18
C ALA A 142 -11.77 -1.61 -9.26
N TYR A 143 -11.33 -1.68 -10.52
CA TYR A 143 -12.24 -1.71 -11.66
C TYR A 143 -11.66 -2.55 -12.78
N VAL A 144 -12.55 -3.01 -13.65
CA VAL A 144 -12.18 -3.49 -14.98
C VAL A 144 -13.22 -2.89 -15.92
N MET A 145 -12.82 -1.90 -16.71
CA MET A 145 -13.73 -1.13 -17.55
C MET A 145 -13.50 -1.55 -19.00
N TYR A 146 -14.58 -1.88 -19.71
CA TYR A 146 -14.48 -2.41 -21.05
C TYR A 146 -14.89 -1.36 -22.09
N THR A 147 -14.11 -1.30 -23.17
CA THR A 147 -14.33 -0.34 -24.25
C THR A 147 -15.68 -0.56 -24.93
N THR A 153 -13.51 -6.29 -30.59
CA THR A 153 -13.98 -6.89 -29.34
C THR A 153 -13.54 -6.04 -28.15
N PRO A 154 -14.41 -5.91 -27.15
CA PRO A 154 -14.10 -5.01 -26.02
C PRO A 154 -12.82 -5.39 -25.31
N LYS A 155 -12.15 -4.36 -24.78
CA LYS A 155 -10.88 -4.48 -24.10
C LYS A 155 -11.06 -4.10 -22.64
N GLY A 156 -10.69 -5.00 -21.73
CA GLY A 156 -10.83 -4.75 -20.32
C GLY A 156 -9.69 -3.92 -19.76
N VAL A 157 -10.00 -2.72 -19.29
CA VAL A 157 -9.00 -1.81 -18.75
C VAL A 157 -8.92 -2.03 -17.24
N ALA A 158 -7.73 -2.35 -16.74
CA ALA A 158 -7.53 -2.65 -15.33
C ALA A 158 -7.14 -1.37 -14.61
N VAL A 159 -8.05 -0.84 -13.79
CA VAL A 159 -7.87 0.45 -13.13
C VAL A 159 -7.46 0.19 -11.68
N PRO A 160 -6.27 0.59 -11.26
CA PRO A 160 -5.89 0.43 -9.85
C PRO A 160 -6.57 1.44 -8.96
N HIS A 161 -6.71 1.06 -7.68
CA HIS A 161 -7.30 1.97 -6.71
C HIS A 161 -6.59 3.31 -6.70
N ARG A 162 -5.26 3.31 -6.85
CA ARG A 162 -4.51 4.54 -6.84
C ARG A 162 -4.97 5.47 -7.96
N SER A 163 -5.18 4.92 -9.17
CA SER A 163 -5.57 5.77 -10.29
C SER A 163 -6.87 6.49 -9.98
N LEU A 164 -7.83 5.77 -9.39
CA LEU A 164 -9.09 6.40 -9.02
C LEU A 164 -8.86 7.49 -7.98
N ALA A 165 -7.94 7.26 -7.05
CA ALA A 165 -7.66 8.25 -6.02
C ALA A 165 -7.19 9.56 -6.62
N GLU A 166 -6.35 9.49 -7.66
CA GLU A 166 -5.84 10.72 -8.27
C GLU A 166 -6.99 11.57 -8.81
N LEU A 167 -7.95 10.93 -9.46
CA LEU A 167 -9.02 11.67 -10.10
C LEU A 167 -9.83 12.44 -9.06
N VAL A 168 -10.20 11.78 -7.96
CA VAL A 168 -10.93 12.44 -6.90
C VAL A 168 -10.07 13.50 -6.24
N GLY A 169 -8.77 13.27 -6.14
CA GLY A 169 -7.88 14.23 -5.51
C GLY A 169 -7.51 15.36 -6.45
N ALA A 174 -12.57 20.88 -5.42
CA ALA A 174 -12.89 20.41 -4.07
C ALA A 174 -14.30 20.84 -3.68
N MET A 175 -15.02 19.95 -3.00
CA MET A 175 -16.43 20.16 -2.68
C MET A 175 -16.66 20.23 -1.18
N GLU A 176 -17.64 21.06 -0.79
CA GLU A 176 -18.11 21.21 0.58
C GLU A 176 -19.15 20.14 0.91
N PRO A 177 -19.25 19.74 2.18
CA PRO A 177 -20.33 18.84 2.59
C PRO A 177 -21.69 19.48 2.33
N GLY A 178 -22.68 18.63 2.08
CA GLY A 178 -24.01 19.11 1.74
C GLY A 178 -24.11 19.77 0.40
N GLU A 179 -23.00 20.04 -0.26
CA GLU A 179 -23.02 20.44 -1.66
C GLU A 179 -23.63 19.31 -2.49
N ALA A 180 -24.14 19.66 -3.67
CA ALA A 180 -24.85 18.70 -4.49
C ALA A 180 -24.35 18.75 -5.93
N VAL A 181 -24.18 17.57 -6.51
CA VAL A 181 -23.77 17.42 -7.89
C VAL A 181 -24.90 16.72 -8.64
N LEU A 182 -25.41 17.35 -9.69
CA LEU A 182 -26.41 16.73 -10.55
C LEU A 182 -25.69 15.96 -11.65
N MET A 183 -25.99 14.66 -11.74
CA MET A 183 -25.34 13.76 -12.67
C MET A 183 -26.40 12.96 -13.41
N HIS A 184 -26.22 12.82 -14.72
CA HIS A 184 -27.00 11.83 -15.44
C HIS A 184 -26.70 10.45 -14.88
N ALA A 185 -27.57 9.49 -15.19
CA ALA A 185 -27.42 8.16 -14.65
C ALA A 185 -26.02 7.63 -14.99
N PRO A 186 -25.31 7.03 -14.03
CA PRO A 186 -24.00 6.45 -14.37
C PRO A 186 -24.18 5.44 -15.48
N TYR A 187 -23.15 5.31 -16.31
CA TYR A 187 -23.19 4.43 -17.46
C TYR A 187 -21.89 3.63 -17.46
N ALA A 188 -21.88 2.52 -18.20
CA ALA A 188 -20.63 1.79 -18.39
C ALA A 188 -19.53 2.70 -18.91
N PHE A 189 -19.90 3.85 -19.48
CA PHE A 189 -18.94 4.81 -19.99
C PHE A 189 -17.99 5.25 -18.88
N ASP A 190 -16.74 5.52 -19.27
CA ASP A 190 -15.72 5.84 -18.27
C ASP A 190 -16.12 7.06 -17.46
N ALA A 191 -16.63 8.10 -18.14
CA ALA A 191 -16.96 9.35 -17.46
C ALA A 191 -17.90 9.08 -16.28
N SER A 192 -19.11 8.65 -16.58
CA SER A 192 -20.14 8.52 -15.55
C SER A 192 -19.71 7.57 -14.43
N MET A 193 -18.95 6.52 -14.74
CA MET A 193 -18.71 5.49 -13.74
C MET A 193 -17.86 6.00 -12.58
N PHE A 194 -16.85 6.82 -12.87
CA PHE A 194 -16.01 7.36 -11.80
C PHE A 194 -16.62 8.58 -11.12
N GLU A 195 -17.46 9.33 -11.83
CA GLU A 195 -17.96 10.58 -11.29
C GLU A 195 -18.76 10.36 -10.02
N ILE A 196 -19.53 9.27 -9.96
CA ILE A 196 -20.42 9.04 -8.83
C ILE A 196 -19.67 9.07 -7.51
N TRP A 197 -18.36 8.85 -7.53
CA TRP A 197 -17.58 8.87 -6.29
C TRP A 197 -17.34 10.28 -5.78
N VAL A 198 -17.04 11.20 -6.69
CA VAL A 198 -16.50 12.50 -6.28
C VAL A 198 -17.33 13.14 -5.17
N PRO A 199 -18.66 13.22 -5.27
CA PRO A 199 -19.42 13.85 -4.18
C PRO A 199 -19.23 13.16 -2.83
N LEU A 200 -19.04 11.84 -2.83
CA LEU A 200 -19.03 11.09 -1.58
C LEU A 200 -17.72 11.21 -0.83
N VAL A 201 -16.62 11.47 -1.54
CA VAL A 201 -15.34 11.65 -0.84
C VAL A 201 -15.32 12.97 -0.08
N TRP A 202 -16.14 13.93 -0.49
CA TRP A 202 -16.16 15.25 0.14
C TRP A 202 -17.31 15.42 1.12
N GLY A 203 -18.18 14.42 1.28
CA GLY A 203 -19.36 14.56 2.08
C GLY A 203 -20.55 15.17 1.37
N ALA A 204 -20.42 15.47 0.08
CA ALA A 204 -21.50 16.02 -0.71
C ALA A 204 -22.51 14.91 -1.02
N ARG A 205 -23.50 15.22 -1.87
CA ARG A 205 -24.53 14.26 -2.22
C ARG A 205 -24.67 14.17 -3.73
N VAL A 206 -24.74 12.95 -4.25
CA VAL A 206 -25.11 12.72 -5.63
C VAL A 206 -26.60 12.90 -5.79
N VAL A 207 -26.99 13.72 -6.77
CA VAL A 207 -28.39 13.88 -7.18
C VAL A 207 -28.47 13.40 -8.63
N ILE A 208 -29.25 12.35 -8.87
CA ILE A 208 -29.25 11.64 -10.15
C ILE A 208 -30.43 12.09 -10.98
N ALA A 209 -30.16 12.57 -12.19
CA ALA A 209 -31.19 13.10 -13.07
C ALA A 209 -32.12 12.00 -13.59
N GLY A 210 -33.41 12.32 -13.61
CA GLY A 210 -34.40 11.46 -14.22
C GLY A 210 -34.04 11.22 -15.67
N PRO A 211 -34.39 10.05 -16.22
CA PRO A 211 -33.94 9.74 -17.58
C PRO A 211 -34.53 10.70 -18.60
N GLY A 212 -33.70 11.08 -19.55
CA GLY A 212 -34.05 12.08 -20.54
C GLY A 212 -33.00 13.16 -20.57
N PRO A 213 -33.02 14.00 -21.60
CA PRO A 213 -32.04 15.10 -21.65
C PRO A 213 -32.28 16.07 -20.52
N VAL A 214 -31.21 16.54 -19.90
CA VAL A 214 -31.38 17.62 -18.94
C VAL A 214 -31.84 18.85 -19.72
N ASP A 215 -32.86 19.53 -19.21
CA ASP A 215 -33.39 20.72 -19.86
C ASP A 215 -32.96 21.93 -19.06
N ALA A 216 -33.15 23.11 -19.66
CA ALA A 216 -32.77 24.34 -18.98
C ALA A 216 -33.50 24.47 -17.65
N ARG A 217 -34.79 24.13 -17.63
CA ARG A 217 -35.58 24.27 -16.42
C ARG A 217 -35.13 23.29 -15.35
N ARG A 218 -34.92 22.02 -15.72
CA ARG A 218 -34.40 21.06 -14.75
C ARG A 218 -33.08 21.56 -14.17
N LEU A 219 -32.23 22.14 -15.01
CA LEU A 219 -30.99 22.73 -14.51
C LEU A 219 -31.29 23.87 -13.54
N ARG A 220 -32.24 24.75 -13.91
CA ARG A 220 -32.59 25.84 -13.02
C ARG A 220 -33.26 25.33 -11.74
N GLU A 221 -34.07 24.28 -11.86
CA GLU A 221 -34.66 23.67 -10.66
C GLU A 221 -33.58 23.05 -9.78
N ALA A 222 -32.63 22.35 -10.39
CA ALA A 222 -31.61 21.65 -9.61
C ALA A 222 -30.75 22.64 -8.85
N VAL A 223 -30.29 23.70 -9.51
CA VAL A 223 -29.49 24.70 -8.82
C VAL A 223 -30.28 25.30 -7.66
N ALA A 224 -31.60 25.46 -7.84
CA ALA A 224 -32.44 25.97 -6.75
C ALA A 224 -32.46 25.02 -5.57
N ALA A 225 -32.41 23.71 -5.84
CA ALA A 225 -32.38 22.71 -4.78
C ALA A 225 -31.05 22.68 -4.04
N GLY A 226 -30.03 23.36 -4.55
CA GLY A 226 -28.70 23.37 -3.94
C GLY A 226 -27.62 22.71 -4.77
N VAL A 227 -27.94 22.22 -5.97
CA VAL A 227 -26.92 21.72 -6.86
C VAL A 227 -26.00 22.88 -7.23
N THR A 228 -24.70 22.70 -6.97
CA THR A 228 -23.69 23.68 -7.35
C THR A 228 -22.83 23.20 -8.50
N ARG A 229 -22.89 21.92 -8.84
CA ARG A 229 -22.12 21.31 -9.91
C ARG A 229 -23.02 20.40 -10.72
N ALA A 230 -22.73 20.30 -12.02
CA ALA A 230 -23.51 19.45 -12.92
C ALA A 230 -22.56 18.73 -13.87
N TYR A 231 -22.78 17.43 -14.04
CA TYR A 231 -22.05 16.58 -14.98
C TYR A 231 -23.05 16.20 -16.06
N LEU A 232 -22.88 16.74 -17.27
CA LEU A 232 -23.90 16.66 -18.29
C LEU A 232 -23.36 16.00 -19.56
N THR A 233 -24.27 15.37 -20.31
CA THR A 233 -23.95 14.90 -21.65
C THR A 233 -23.70 16.07 -22.58
N ALA A 234 -22.77 15.86 -23.53
CA ALA A 234 -22.47 16.91 -24.50
C ALA A 234 -23.72 17.41 -25.20
N GLY A 235 -24.66 16.51 -25.50
CA GLY A 235 -25.87 16.92 -26.19
C GLY A 235 -26.71 17.87 -25.36
N SER A 236 -26.94 17.51 -24.09
CA SER A 236 -27.77 18.36 -23.24
C SER A 236 -27.12 19.73 -23.02
N PHE A 237 -25.81 19.75 -22.83
CA PHE A 237 -25.12 21.03 -22.64
C PHE A 237 -25.36 21.96 -23.83
N ARG A 238 -25.21 21.44 -25.04
CA ARG A 238 -25.45 22.26 -26.24
C ARG A 238 -26.90 22.69 -26.32
N ALA A 239 -27.83 21.80 -25.98
CA ALA A 239 -29.24 22.16 -26.03
C ALA A 239 -29.55 23.34 -25.11
N VAL A 240 -29.12 23.24 -23.85
CA VAL A 240 -29.36 24.33 -22.92
C VAL A 240 -28.57 25.57 -23.32
N ALA A 241 -27.34 25.38 -23.80
CA ALA A 241 -26.52 26.52 -24.23
C ALA A 241 -27.22 27.31 -25.33
N GLU A 242 -27.92 26.63 -26.23
CA GLU A 242 -28.70 27.32 -27.24
C GLU A 242 -30.02 27.84 -26.65
N GLU A 243 -30.72 26.99 -25.90
CA GLU A 243 -32.03 27.37 -25.37
C GLU A 243 -31.90 28.56 -24.42
N SER A 244 -31.13 28.40 -23.35
CA SER A 244 -30.99 29.45 -22.34
C SER A 244 -29.63 29.34 -21.69
N PRO A 245 -28.62 30.04 -22.23
CA PRO A 245 -27.34 30.12 -21.52
C PRO A 245 -27.48 30.54 -20.07
N GLU A 246 -28.45 31.40 -19.77
CA GLU A 246 -28.62 31.91 -18.42
C GLU A 246 -29.02 30.82 -17.42
N SER A 247 -29.60 29.72 -17.90
CA SER A 247 -30.03 28.65 -16.99
C SER A 247 -28.85 28.05 -16.24
N PHE A 248 -27.66 28.09 -16.83
CA PHE A 248 -26.46 27.59 -16.16
C PHE A 248 -26.08 28.41 -14.92
N ALA A 249 -26.65 29.59 -14.74
CA ALA A 249 -26.26 30.44 -13.63
C ALA A 249 -26.57 29.77 -12.29
N GLY A 250 -25.73 30.03 -11.31
CA GLY A 250 -25.80 29.39 -10.01
C GLY A 250 -24.82 28.26 -9.81
N LEU A 251 -24.28 27.71 -10.90
CA LEU A 251 -23.36 26.58 -10.81
C LEU A 251 -21.93 27.09 -10.75
N ARG A 252 -21.16 26.57 -9.80
CA ARG A 252 -19.75 26.92 -9.70
C ARG A 252 -18.93 26.22 -10.78
N GLU A 253 -19.35 25.02 -11.16
CA GLU A 253 -18.64 24.22 -12.15
C GLU A 253 -19.67 23.41 -12.92
N VAL A 254 -19.57 23.44 -14.25
CA VAL A 254 -20.39 22.61 -15.12
C VAL A 254 -19.43 21.78 -15.96
N GLN A 255 -19.71 20.49 -16.06
CA GLN A 255 -18.78 19.53 -16.66
C GLN A 255 -19.51 18.71 -17.71
N THR A 256 -18.86 18.55 -18.87
CA THR A 256 -19.45 17.84 -19.99
C THR A 256 -18.63 16.58 -20.27
N GLY A 257 -19.32 15.53 -20.68
CA GLY A 257 -18.68 14.26 -20.97
C GLY A 257 -19.08 13.74 -22.31
N GLY A 258 -18.12 13.17 -23.03
CA GLY A 258 -18.36 12.71 -24.38
C GLY A 258 -17.53 13.48 -25.39
N ASP A 259 -18.17 13.92 -26.47
CA ASP A 259 -17.49 14.74 -27.46
C ASP A 259 -17.28 16.14 -26.93
N LEU A 260 -16.08 16.69 -27.12
CA LEU A 260 -15.80 18.06 -26.70
C LEU A 260 -16.82 18.99 -27.32
N VAL A 261 -17.54 19.74 -26.49
CA VAL A 261 -18.64 20.57 -26.95
C VAL A 261 -18.10 21.66 -27.88
N PRO A 262 -18.88 22.08 -28.88
CA PRO A 262 -18.43 23.17 -29.75
C PRO A 262 -18.07 24.41 -28.95
N ALA A 263 -16.99 25.07 -29.36
CA ALA A 263 -16.52 26.25 -28.64
C ALA A 263 -17.57 27.34 -28.59
N HIS A 264 -18.44 27.43 -29.59
CA HIS A 264 -19.47 28.46 -29.59
C HIS A 264 -20.38 28.33 -28.39
N ALA A 265 -20.84 27.12 -28.10
CA ALA A 265 -21.73 26.91 -26.97
C ALA A 265 -21.07 27.34 -25.67
N VAL A 266 -19.80 26.98 -25.48
CA VAL A 266 -19.09 27.34 -24.26
C VAL A 266 -19.01 28.86 -24.13
N GLU A 267 -18.79 29.55 -25.25
CA GLU A 267 -18.70 31.02 -25.18
C GLU A 267 -20.06 31.63 -24.87
N ARG A 268 -21.14 31.04 -25.38
CA ARG A 268 -22.47 31.54 -25.02
C ARG A 268 -22.71 31.40 -23.52
N VAL A 269 -22.42 30.23 -22.96
CA VAL A 269 -22.65 30.00 -21.54
C VAL A 269 -21.79 30.95 -20.71
N ARG A 270 -20.60 31.28 -21.20
CA ARG A 270 -19.70 32.14 -20.42
C ARG A 270 -20.21 33.56 -20.35
N GLU A 271 -20.80 34.07 -21.43
CA GLU A 271 -21.36 35.42 -21.41
C GLU A 271 -22.53 35.50 -20.42
N ALA A 272 -23.32 34.44 -20.33
CA ALA A 272 -24.44 34.43 -19.40
C ALA A 272 -23.95 34.27 -17.96
N CYS A 273 -22.95 33.41 -17.75
CA CYS A 273 -22.41 33.13 -16.42
C CYS A 273 -20.91 33.32 -16.44
N PRO A 274 -20.41 34.54 -16.20
CA PRO A 274 -18.95 34.74 -16.19
C PRO A 274 -18.23 33.94 -15.12
N ARG A 275 -18.92 33.59 -14.04
CA ARG A 275 -18.29 32.89 -12.92
C ARG A 275 -18.11 31.41 -13.17
N ALA A 276 -18.94 30.82 -14.02
CA ALA A 276 -18.97 29.37 -14.16
C ALA A 276 -17.69 28.85 -14.80
N ARG A 277 -17.21 27.73 -14.27
CA ARG A 277 -16.07 27.03 -14.83
C ARG A 277 -16.59 25.88 -15.69
N ILE A 278 -16.19 25.85 -16.96
CA ILE A 278 -16.59 24.82 -17.90
C ILE A 278 -15.41 23.88 -18.13
N ARG A 279 -15.65 22.59 -17.93
CA ARG A 279 -14.65 21.56 -18.13
C ARG A 279 -15.25 20.42 -18.93
N HIS A 280 -14.36 19.61 -19.53
CA HIS A 280 -14.77 18.44 -20.28
C HIS A 280 -13.84 17.29 -19.95
N LEU A 281 -14.41 16.11 -19.77
CA LEU A 281 -13.65 14.93 -19.34
C LEU A 281 -13.37 14.12 -20.59
N TYR A 282 -12.34 14.57 -21.32
CA TYR A 282 -12.04 13.94 -22.60
C TYR A 282 -11.46 12.54 -22.41
N GLY A 283 -10.70 12.31 -21.35
CA GLY A 283 -9.91 11.13 -21.20
C GLY A 283 -10.69 9.83 -21.16
N PRO A 284 -10.09 8.75 -21.69
CA PRO A 284 -10.66 7.41 -21.52
C PRO A 284 -10.27 6.79 -20.21
N THR A 285 -10.71 5.57 -19.94
CA THR A 285 -10.40 4.96 -18.67
C THR A 285 -8.89 4.76 -18.47
N GLU A 286 -8.18 4.38 -19.56
CA GLU A 286 -6.76 4.04 -19.39
C GLU A 286 -5.98 5.19 -18.76
N ALA A 287 -6.13 6.37 -19.35
CA ALA A 287 -5.52 7.60 -18.81
C ALA A 287 -6.63 8.62 -18.66
N THR A 288 -6.77 9.19 -17.48
CA THR A 288 -7.91 10.07 -17.24
C THR A 288 -7.45 11.51 -17.11
N VAL A 289 -8.08 12.39 -17.86
CA VAL A 289 -7.70 13.80 -17.91
C VAL A 289 -8.95 14.63 -17.67
N TRP A 290 -8.84 15.62 -16.79
CA TRP A 290 -9.90 16.60 -16.56
C TRP A 290 -9.39 17.89 -17.20
N ALA A 291 -10.17 18.46 -18.12
CA ALA A 291 -9.74 19.63 -18.90
C ALA A 291 -10.67 20.82 -18.65
N THR A 292 -10.08 22.00 -18.49
CA THR A 292 -10.86 23.20 -18.22
C THR A 292 -10.81 24.16 -19.39
N TRP A 293 -12.00 24.63 -19.81
CA TRP A 293 -12.08 25.65 -20.84
C TRP A 293 -11.59 26.97 -20.28
N HIS A 294 -10.75 27.63 -21.06
CA HIS A 294 -10.23 28.94 -20.73
C HIS A 294 -10.28 29.78 -21.99
N LEU A 295 -10.24 31.11 -21.80
CA LEU A 295 -10.16 31.99 -22.94
C LEU A 295 -8.79 31.90 -23.55
N LEU A 296 -8.72 31.53 -24.83
CA LEU A 296 -7.44 31.40 -25.48
C LEU A 296 -6.92 32.74 -25.98
N GLU A 297 -5.60 32.79 -26.16
CA GLU A 297 -4.94 34.04 -26.50
C GLU A 297 -5.40 34.67 -27.81
N PRO A 298 -5.69 33.91 -28.89
CA PRO A 298 -5.90 34.51 -30.21
C PRO A 298 -6.63 35.86 -30.24
N VAL A 301 -11.39 34.06 -27.86
CA VAL A 301 -11.77 32.68 -28.08
C VAL A 301 -11.72 31.89 -26.78
N MET A 302 -12.37 30.74 -26.77
CA MET A 302 -12.28 29.80 -25.66
C MET A 302 -11.87 28.43 -26.16
N GLY A 303 -10.92 27.81 -25.45
CA GLY A 303 -10.42 26.51 -25.82
C GLY A 303 -10.20 25.61 -24.61
N PRO A 304 -10.21 24.29 -24.83
CA PRO A 304 -9.88 23.38 -23.73
C PRO A 304 -8.43 23.49 -23.35
N VAL A 305 -8.16 23.49 -22.05
CA VAL A 305 -6.80 23.53 -21.54
C VAL A 305 -6.61 22.34 -20.59
N LEU A 306 -5.47 21.67 -20.72
CA LEU A 306 -5.20 20.48 -19.92
C LEU A 306 -4.14 20.79 -18.87
N PRO A 307 -4.37 20.41 -17.60
CA PRO A 307 -3.37 20.72 -16.58
C PRO A 307 -2.13 19.85 -16.76
N ILE A 308 -0.95 20.48 -16.73
CA ILE A 308 0.29 19.71 -16.77
C ILE A 308 0.43 18.88 -15.52
N GLY A 309 0.10 19.47 -14.37
CA GLY A 309 0.25 18.80 -13.09
C GLY A 309 1.64 18.99 -12.51
N ARG A 310 1.84 18.37 -11.36
CA ARG A 310 3.15 18.35 -10.72
C ARG A 310 3.47 16.94 -10.23
N ARG A 316 2.14 14.25 -15.07
CA ARG A 316 2.80 15.04 -16.11
C ARG A 316 2.25 14.70 -17.49
N ALA A 317 2.52 15.58 -18.46
CA ALA A 317 2.09 15.38 -19.83
C ALA A 317 3.22 15.73 -20.77
N HIS A 318 3.28 15.01 -21.89
CA HIS A 318 4.29 15.25 -22.92
C HIS A 318 3.60 15.39 -24.27
N VAL A 319 4.12 16.32 -25.07
CA VAL A 319 3.73 16.49 -26.47
C VAL A 319 4.95 16.10 -27.31
N LEU A 320 4.83 15.01 -28.05
CA LEU A 320 5.98 14.39 -28.70
C LEU A 320 5.74 14.25 -30.19
N ASP A 321 6.82 14.33 -30.96
CA ASP A 321 6.77 14.16 -32.40
C ASP A 321 6.80 12.67 -32.73
N GLU A 322 6.99 12.35 -34.02
CA GLU A 322 7.02 10.95 -34.42
C GLU A 322 8.26 10.24 -33.92
N SER A 323 9.35 10.98 -33.69
CA SER A 323 10.58 10.40 -33.15
C SER A 323 10.56 10.31 -31.63
N LEU A 324 9.44 10.62 -31.00
CA LEU A 324 9.28 10.59 -29.55
C LEU A 324 10.18 11.62 -28.85
N ARG A 325 10.67 12.61 -29.59
CA ARG A 325 11.39 13.72 -29.00
C ARG A 325 10.45 14.91 -28.78
N PRO A 326 10.58 15.63 -27.66
CA PRO A 326 9.59 16.67 -27.34
C PRO A 326 9.52 17.75 -28.40
N VAL A 327 8.29 18.14 -28.75
CA VAL A 327 8.08 19.17 -29.76
C VAL A 327 8.26 20.56 -29.14
N GLY A 328 8.50 21.53 -30.00
CA GLY A 328 8.65 22.91 -29.58
C GLY A 328 7.30 23.56 -29.30
N PRO A 329 7.35 24.73 -28.67
CA PRO A 329 6.12 25.50 -28.46
C PRO A 329 5.48 25.94 -29.77
N GLY A 330 4.16 25.83 -29.84
CA GLY A 330 3.41 26.14 -31.03
C GLY A 330 3.35 25.02 -32.05
N VAL A 331 4.07 23.93 -31.84
CA VAL A 331 4.02 22.77 -32.71
C VAL A 331 2.98 21.80 -32.17
N VAL A 332 2.27 21.14 -33.05
CA VAL A 332 1.30 20.12 -32.66
C VAL A 332 1.99 18.77 -32.62
N GLY A 333 1.73 18.01 -31.55
CA GLY A 333 2.28 16.68 -31.43
C GLY A 333 1.28 15.77 -30.73
N GLU A 334 1.56 14.47 -30.77
CA GLU A 334 0.69 13.52 -30.09
C GLU A 334 0.87 13.64 -28.59
N LEU A 335 -0.23 13.52 -27.86
CA LEU A 335 -0.21 13.67 -26.41
C LEU A 335 0.06 12.33 -25.75
N TYR A 336 1.09 12.29 -24.91
CA TYR A 336 1.37 11.16 -24.05
C TYR A 336 1.15 11.61 -22.62
N LEU A 337 0.50 10.76 -21.81
CA LEU A 337 0.18 11.10 -20.44
C LEU A 337 0.91 10.16 -19.50
N SER A 338 1.59 10.74 -18.52
CA SER A 338 2.29 9.98 -17.49
C SER A 338 1.84 10.48 -16.13
N GLY A 339 1.58 9.55 -15.22
CA GLY A 339 1.12 9.92 -13.91
C GLY A 339 0.68 8.71 -13.12
N ALA A 340 0.13 8.98 -11.94
CA ALA A 340 -0.46 7.94 -11.10
C ALA A 340 -1.80 7.46 -11.63
N GLY A 341 -2.47 8.26 -12.45
CA GLY A 341 -3.78 7.89 -12.97
C GLY A 341 -3.76 6.77 -14.00
N LEU A 342 -2.60 6.44 -14.55
CA LEU A 342 -2.53 5.45 -15.61
C LEU A 342 -2.94 4.08 -15.11
N ALA A 343 -3.70 3.37 -15.94
CA ALA A 343 -4.12 2.00 -15.65
C ALA A 343 -2.95 1.04 -15.82
N ASP A 344 -3.09 -0.14 -15.22
CA ASP A 344 -2.03 -1.15 -15.31
C ASP A 344 -1.88 -1.67 -16.74
N GLY A 345 -2.99 -1.79 -17.46
CA GLY A 345 -2.95 -2.28 -18.83
C GLY A 345 -4.29 -2.90 -19.21
N TYR A 346 -4.29 -3.57 -20.35
CA TYR A 346 -5.48 -4.25 -20.87
C TYR A 346 -5.43 -5.74 -20.51
N LEU A 347 -6.46 -6.21 -19.82
CA LEU A 347 -6.50 -7.61 -19.40
C LEU A 347 -6.40 -8.55 -20.60
N ASN A 348 -5.49 -9.51 -20.49
CA ASN A 348 -5.31 -10.55 -21.51
C ASN A 348 -4.83 -9.97 -22.83
N ARG A 349 -4.27 -8.75 -22.81
CA ARG A 349 -3.74 -8.10 -24.00
C ARG A 349 -2.37 -7.51 -23.62
N ALA A 350 -1.39 -8.39 -23.39
CA ALA A 350 -0.07 -7.93 -23.03
C ALA A 350 0.57 -7.13 -24.15
N GLY A 351 0.46 -7.62 -25.39
CA GLY A 351 1.04 -6.92 -26.51
C GLY A 351 0.44 -5.53 -26.70
N LEU A 352 -0.87 -5.42 -26.59
CA LEU A 352 -1.50 -4.11 -26.72
C LEU A 352 -1.07 -3.18 -25.60
N THR A 353 -0.97 -3.71 -24.38
CA THR A 353 -0.50 -2.88 -23.27
C THR A 353 0.89 -2.35 -23.55
N ALA A 354 1.74 -3.17 -24.15
CA ALA A 354 3.13 -2.78 -24.39
C ALA A 354 3.25 -1.70 -25.46
N GLU A 355 2.37 -1.72 -26.47
CA GLU A 355 2.46 -0.70 -27.51
C GLU A 355 1.77 0.60 -27.10
N ARG A 356 0.74 0.53 -26.25
CA ARG A 356 0.05 1.72 -25.78
C ARG A 356 0.70 2.33 -24.56
N PHE A 357 1.10 1.50 -23.59
CA PHE A 357 1.73 1.97 -22.36
C PHE A 357 3.25 1.90 -22.53
N VAL A 358 3.76 2.83 -23.31
CA VAL A 358 5.18 2.84 -23.66
C VAL A 358 5.98 3.44 -22.51
N ALA A 359 7.29 3.21 -22.54
CA ALA A 359 8.18 3.75 -21.54
C ALA A 359 8.25 5.27 -21.65
N ASP A 360 8.42 5.92 -20.49
CA ASP A 360 8.52 7.37 -20.44
C ASP A 360 9.98 7.77 -20.31
N PRO A 361 10.55 8.47 -21.30
CA PRO A 361 11.96 8.87 -21.16
C PRO A 361 12.22 9.78 -19.96
N SER A 362 11.25 10.63 -19.59
CA SER A 362 11.50 11.59 -18.52
C SER A 362 11.55 10.92 -17.15
N ALA A 363 10.73 9.88 -16.95
CA ALA A 363 10.59 9.25 -15.64
C ALA A 363 11.20 7.86 -15.62
N PRO A 364 12.14 7.57 -14.72
CA PRO A 364 12.76 6.24 -14.72
C PRO A 364 11.77 5.14 -14.39
N GLY A 365 11.89 4.02 -15.10
CA GLY A 365 11.04 2.88 -14.84
C GLY A 365 9.57 3.17 -14.91
N LYS A 366 9.18 4.22 -15.62
CA LYS A 366 7.80 4.67 -15.69
C LYS A 366 7.29 4.53 -17.11
N ARG A 367 5.98 4.65 -17.25
CA ARG A 367 5.31 4.52 -18.53
C ARG A 367 4.55 5.80 -18.85
N MET A 368 4.38 6.04 -20.14
CA MET A 368 3.53 7.11 -20.64
C MET A 368 2.53 6.46 -21.59
N TYR A 369 1.29 6.93 -21.55
CA TYR A 369 0.22 6.36 -22.35
C TYR A 369 -0.05 7.29 -23.52
N ARG A 370 0.00 6.75 -24.73
CA ARG A 370 -0.27 7.55 -25.93
C ARG A 370 -1.77 7.70 -26.09
N THR A 371 -2.25 8.94 -25.96
CA THR A 371 -3.67 9.22 -26.09
C THR A 371 -4.17 9.00 -27.52
N GLY A 372 -3.29 9.18 -28.51
CA GLY A 372 -3.75 9.28 -29.87
C GLY A 372 -4.39 10.61 -30.20
N ASP A 373 -4.33 11.57 -29.28
CA ASP A 373 -4.91 12.89 -29.44
C ASP A 373 -3.80 13.92 -29.63
N LEU A 374 -4.03 14.87 -30.52
CA LEU A 374 -3.07 15.94 -30.78
C LEU A 374 -3.21 17.04 -29.74
N ALA A 375 -2.08 17.68 -29.44
CA ALA A 375 -2.03 18.77 -28.48
C ALA A 375 -0.88 19.71 -28.88
N GLN A 376 -0.85 20.88 -28.25
CA GLN A 376 0.21 21.84 -28.51
C GLN A 376 0.40 22.71 -27.29
N TRP A 377 1.60 23.28 -27.16
CA TRP A 377 1.94 24.15 -26.04
C TRP A 377 1.70 25.60 -26.42
N THR A 378 1.01 26.33 -25.55
CA THR A 378 0.85 27.77 -25.77
C THR A 378 2.12 28.49 -25.36
N ALA A 379 2.25 29.74 -25.82
CA ALA A 379 3.37 30.56 -25.37
C ALA A 379 3.37 30.72 -23.86
N ASP A 380 2.18 30.76 -23.25
CA ASP A 380 2.08 30.85 -21.79
C ASP A 380 2.55 29.58 -21.11
N GLY A 381 2.59 28.45 -21.82
CA GLY A 381 2.92 27.17 -21.24
C GLY A 381 1.73 26.31 -20.89
N GLU A 382 0.50 26.77 -21.13
CA GLU A 382 -0.68 25.95 -20.91
C GLU A 382 -0.83 24.92 -22.02
N LEU A 383 -1.18 23.70 -21.64
CA LEU A 383 -1.34 22.60 -22.60
C LEU A 383 -2.71 22.71 -23.27
N LEU A 384 -2.71 22.67 -24.61
CA LEU A 384 -3.88 22.93 -25.43
C LEU A 384 -4.22 21.70 -26.26
N PHE A 385 -5.50 21.33 -26.26
CA PHE A 385 -5.99 20.17 -27.00
C PHE A 385 -6.10 20.51 -28.48
N ALA A 386 -5.99 19.47 -29.32
CA ALA A 386 -6.11 19.65 -30.76
C ALA A 386 -6.43 18.33 -31.46
N THR B 2 1.83 9.17 -38.68
CA THR B 2 1.77 7.84 -38.07
C THR B 2 2.58 7.83 -36.77
N ASN B 3 2.15 7.03 -35.81
CA ASN B 3 2.86 6.91 -34.55
C ASN B 3 4.04 5.95 -34.69
N PRO B 4 5.21 6.30 -34.12
CA PRO B 4 6.35 5.37 -34.19
C PRO B 4 5.99 3.95 -33.80
N PHE B 5 5.15 3.78 -32.78
CA PHE B 5 4.76 2.45 -32.31
C PHE B 5 3.77 1.77 -33.22
N ASP B 6 3.16 2.50 -34.15
CA ASP B 6 2.24 1.91 -35.11
C ASP B 6 2.94 1.48 -36.40
N ASN B 7 4.01 2.17 -36.78
CA ASN B 7 4.66 1.92 -38.06
C ASN B 7 5.10 0.47 -38.17
N GLU B 8 4.72 -0.17 -39.28
CA GLU B 8 5.11 -1.56 -39.51
C GLU B 8 6.49 -1.67 -40.15
N ASP B 9 6.91 -0.66 -40.91
CA ASP B 9 8.24 -0.67 -41.51
C ASP B 9 9.35 -0.46 -40.50
N GLY B 10 9.02 -0.30 -39.22
CA GLY B 10 10.02 0.06 -38.22
C GLY B 10 10.63 -1.13 -37.52
N SER B 11 11.91 -0.97 -37.18
CA SER B 11 12.60 -1.92 -36.31
C SER B 11 12.31 -1.57 -34.86
N PHE B 12 12.06 -2.59 -34.04
CA PHE B 12 11.60 -2.35 -32.68
C PHE B 12 12.36 -3.19 -31.68
N LEU B 13 12.23 -2.78 -30.42
CA LEU B 13 12.90 -3.37 -29.28
C LEU B 13 11.84 -3.67 -28.22
N VAL B 14 12.11 -4.63 -27.36
CA VAL B 14 11.24 -4.93 -26.23
C VAL B 14 11.97 -4.54 -24.95
N LEU B 15 11.34 -3.69 -24.15
CA LEU B 15 11.91 -3.20 -22.90
C LEU B 15 11.11 -3.71 -21.71
N VAL B 16 11.81 -3.91 -20.59
CA VAL B 16 11.18 -4.39 -19.36
C VAL B 16 11.71 -3.57 -18.19
N ASN B 17 10.81 -3.07 -17.35
CA ASN B 17 11.18 -2.28 -16.19
C ASN B 17 11.22 -3.18 -14.95
N GLY B 18 11.45 -2.56 -13.80
CA GLY B 18 11.56 -3.32 -12.56
C GLY B 18 10.29 -4.04 -12.16
N GLU B 19 9.13 -3.55 -12.62
CA GLU B 19 7.84 -4.14 -12.29
C GLU B 19 7.43 -5.22 -13.28
N GLY B 20 8.31 -5.66 -14.16
CA GLY B 20 7.97 -6.66 -15.14
C GLY B 20 7.11 -6.17 -16.28
N GLN B 21 6.78 -4.88 -16.31
CA GLN B 21 5.96 -4.34 -17.38
C GLN B 21 6.78 -4.18 -18.65
N HIS B 22 6.18 -4.56 -19.77
CA HIS B 22 6.84 -4.56 -21.06
C HIS B 22 6.42 -3.37 -21.91
N SER B 23 7.35 -2.88 -22.72
CA SER B 23 7.08 -1.78 -23.63
C SER B 23 7.76 -2.02 -24.95
N LEU B 24 7.03 -1.80 -26.04
CA LEU B 24 7.64 -1.64 -27.35
C LEU B 24 8.47 -0.36 -27.36
N TRP B 25 9.56 -0.37 -28.13
CA TRP B 25 10.37 0.83 -28.24
C TRP B 25 10.98 0.94 -29.63
N PRO B 26 10.94 2.12 -30.26
CA PRO B 26 11.58 2.27 -31.57
C PRO B 26 13.08 2.07 -31.46
N ALA B 27 13.66 1.39 -32.45
CA ALA B 27 15.06 1.03 -32.38
C ALA B 27 15.98 2.26 -32.43
N PHE B 28 15.54 3.36 -33.05
CA PHE B 28 16.40 4.54 -33.11
C PHE B 28 16.42 5.31 -31.79
N ALA B 29 15.45 5.07 -30.91
CA ALA B 29 15.32 5.84 -29.69
C ALA B 29 16.26 5.32 -28.60
N GLU B 30 16.79 6.24 -27.81
CA GLU B 30 17.56 5.87 -26.63
C GLU B 30 16.65 5.20 -25.59
N VAL B 31 17.15 4.14 -24.99
CA VAL B 31 16.41 3.40 -23.97
C VAL B 31 16.32 4.24 -22.70
N PRO B 32 15.12 4.52 -22.19
CA PRO B 32 15.02 5.37 -20.99
C PRO B 32 15.62 4.69 -19.77
N ASP B 33 16.03 5.52 -18.82
CA ASP B 33 16.53 5.02 -17.55
C ASP B 33 15.44 4.24 -16.83
N GLY B 34 15.84 3.19 -16.12
CA GLY B 34 14.90 2.33 -15.45
C GLY B 34 14.24 1.30 -16.34
N TRP B 35 14.68 1.19 -17.60
CA TRP B 35 14.16 0.23 -18.55
C TRP B 35 15.34 -0.54 -19.14
N THR B 36 15.16 -1.85 -19.31
CA THR B 36 16.20 -2.73 -19.83
C THR B 36 15.72 -3.46 -21.08
N GLY B 37 16.60 -3.55 -22.06
CA GLY B 37 16.27 -4.25 -23.30
C GLY B 37 16.33 -5.76 -23.12
N VAL B 38 15.42 -6.45 -23.80
CA VAL B 38 15.31 -7.90 -23.65
C VAL B 38 15.17 -8.64 -24.96
N HIS B 39 14.86 -7.98 -26.07
CA HIS B 39 14.64 -8.64 -27.36
C HIS B 39 15.18 -7.76 -28.46
N GLY B 40 16.15 -8.27 -29.20
CA GLY B 40 16.94 -7.48 -30.11
C GLY B 40 16.12 -6.73 -31.14
N PRO B 41 16.77 -5.82 -31.89
CA PRO B 41 16.06 -5.10 -32.96
C PRO B 41 15.34 -6.06 -33.88
N ALA B 42 14.03 -5.89 -34.02
CA ALA B 42 13.22 -6.82 -34.79
C ALA B 42 11.95 -6.13 -35.24
N SER B 43 11.17 -6.83 -36.05
CA SER B 43 9.94 -6.30 -36.61
C SER B 43 8.93 -6.00 -35.51
N ARG B 44 7.94 -5.17 -35.85
CA ARG B 44 6.87 -4.87 -34.92
C ARG B 44 6.17 -6.14 -34.44
N GLN B 45 5.83 -7.03 -35.38
CA GLN B 45 5.10 -8.24 -35.01
C GLN B 45 5.94 -9.16 -34.15
N ASP B 46 7.21 -9.38 -34.52
CA ASP B 46 8.07 -10.26 -33.72
C ASP B 46 8.11 -9.79 -32.27
N CYS B 47 8.28 -8.48 -32.06
CA CYS B 47 8.32 -7.96 -30.71
C CYS B 47 7.01 -8.22 -29.98
N LEU B 48 5.89 -7.92 -30.66
CA LEU B 48 4.58 -8.20 -30.06
C LEU B 48 4.45 -9.67 -29.69
N GLY B 49 4.88 -10.57 -30.57
CA GLY B 49 4.87 -11.99 -30.24
C GLY B 49 5.64 -12.28 -28.97
N TYR B 50 6.85 -11.74 -28.86
CA TYR B 50 7.65 -11.94 -27.66
C TYR B 50 6.90 -11.47 -26.41
N VAL B 51 6.20 -10.35 -26.51
CA VAL B 51 5.46 -9.83 -25.36
C VAL B 51 4.32 -10.75 -24.99
N GLU B 52 3.51 -11.14 -25.98
CA GLU B 52 2.39 -12.03 -25.71
C GLU B 52 2.85 -13.34 -25.10
N GLN B 53 4.07 -13.77 -25.40
CA GLN B 53 4.61 -15.01 -24.88
C GLN B 53 5.10 -14.85 -23.45
N ASN B 54 5.87 -13.80 -23.18
CA ASN B 54 6.62 -13.69 -21.94
C ASN B 54 5.98 -12.80 -20.88
N TRP B 55 5.19 -11.79 -21.25
CA TRP B 55 4.52 -10.96 -20.24
C TRP B 55 3.18 -11.60 -19.91
N THR B 56 3.23 -12.60 -19.03
CA THR B 56 2.05 -13.41 -18.75
C THR B 56 1.16 -12.78 -17.67
N ASP B 57 1.77 -12.18 -16.65
CA ASP B 57 1.03 -11.57 -15.55
C ASP B 57 1.21 -10.06 -15.65
N LEU B 58 0.12 -9.36 -15.94
CA LEU B 58 0.15 -7.91 -16.09
C LEU B 58 0.25 -7.18 -14.77
N ARG B 59 0.07 -7.87 -13.65
CA ARG B 59 0.14 -7.24 -12.34
C ARG B 59 1.56 -6.75 -12.08
N PRO B 60 1.72 -5.55 -11.53
CA PRO B 60 3.05 -5.12 -11.09
C PRO B 60 3.68 -6.14 -10.16
N LYS B 61 4.99 -6.30 -10.25
CA LYS B 61 5.69 -7.30 -9.45
C LYS B 61 5.71 -6.92 -7.97
N SER B 62 5.71 -5.63 -7.65
CA SER B 62 5.80 -5.19 -6.27
C SER B 62 4.61 -5.64 -5.42
N LEU B 63 3.54 -6.14 -6.02
CA LEU B 63 2.36 -6.59 -5.30
C LEU B 63 2.24 -8.11 -5.29
N ILE B 64 3.37 -8.80 -5.36
CA ILE B 64 3.39 -10.26 -5.42
C ILE B 64 2.51 -10.75 -6.57
N MET C 1 3.10 -7.95 2.61
CA MET C 1 3.45 -7.75 4.04
C MET C 1 3.00 -8.95 4.86
N VAL C 2 3.48 -9.04 6.11
CA VAL C 2 3.17 -10.20 6.94
C VAL C 2 1.67 -10.47 6.94
N LEU C 3 0.87 -9.41 7.06
CA LEU C 3 -0.58 -9.58 7.08
C LEU C 3 -1.08 -10.21 5.79
N GLU C 4 -0.51 -9.81 4.65
CA GLU C 4 -0.95 -10.33 3.36
C GLU C 4 -0.58 -11.79 3.19
N LEU C 5 0.61 -12.18 3.64
CA LEU C 5 0.99 -13.58 3.57
C LEU C 5 0.08 -14.45 4.42
N PHE C 6 -0.24 -13.99 5.63
CA PHE C 6 -1.18 -14.72 6.47
C PHE C 6 -2.50 -14.93 5.74
N ALA C 7 -3.00 -13.90 5.07
CA ALA C 7 -4.27 -14.01 4.37
C ALA C 7 -4.21 -15.08 3.29
N ARG C 8 -3.08 -15.18 2.58
CA ARG C 8 -2.93 -16.20 1.55
C ARG C 8 -3.13 -17.59 2.14
N HIS C 9 -2.48 -17.86 3.27
CA HIS C 9 -2.61 -19.17 3.91
C HIS C 9 -3.99 -19.35 4.54
N VAL C 10 -4.67 -18.27 4.89
CA VAL C 10 -6.04 -18.41 5.37
C VAL C 10 -6.98 -18.77 4.23
N ASP C 11 -6.72 -18.28 3.02
CA ASP C 11 -7.53 -18.63 1.88
C ASP C 11 -7.21 -20.02 1.37
N ARG C 12 -5.91 -20.31 1.17
CA ARG C 12 -5.51 -21.56 0.56
C ARG C 12 -5.70 -22.74 1.52
N THR C 13 -5.42 -22.54 2.80
CA THR C 13 -5.49 -23.59 3.80
C THR C 13 -6.10 -23.04 5.08
N PRO C 14 -7.40 -22.76 5.06
CA PRO C 14 -8.04 -22.21 6.27
C PRO C 14 -8.04 -23.15 7.45
N ASP C 15 -8.10 -24.46 7.22
CA ASP C 15 -8.27 -25.44 8.29
C ASP C 15 -6.94 -25.90 8.89
N ALA C 16 -5.82 -25.36 8.46
CA ALA C 16 -4.54 -25.74 9.03
C ALA C 16 -4.37 -25.12 10.41
N VAL C 17 -3.61 -25.82 11.27
CA VAL C 17 -3.36 -25.31 12.60
C VAL C 17 -2.38 -24.14 12.51
N ALA C 18 -2.71 -23.05 13.20
CA ALA C 18 -1.82 -21.91 13.31
C ALA C 18 -1.15 -21.83 14.68
N VAL C 19 -1.93 -21.98 15.74
CA VAL C 19 -1.44 -21.86 17.11
C VAL C 19 -1.86 -23.07 17.92
N VAL C 20 -0.93 -23.60 18.71
CA VAL C 20 -1.20 -24.63 19.70
C VAL C 20 -0.71 -24.09 21.04
N ASP C 21 -1.64 -23.60 21.85
CA ASP C 21 -1.33 -23.08 23.18
C ASP C 21 -2.08 -23.94 24.18
N GLY C 22 -1.37 -24.89 24.79
CA GLY C 22 -2.00 -25.80 25.73
C GLY C 22 -3.15 -26.56 25.08
N ASP C 23 -4.32 -26.51 25.71
CA ASP C 23 -5.48 -27.17 25.14
C ASP C 23 -6.05 -26.39 23.96
N ARG C 24 -5.85 -25.09 23.92
CA ARG C 24 -6.36 -24.28 22.83
C ARG C 24 -5.60 -24.53 21.54
N VAL C 25 -6.33 -24.79 20.47
CA VAL C 25 -5.79 -24.98 19.14
C VAL C 25 -6.63 -24.16 18.17
N LEU C 26 -5.98 -23.30 17.39
CA LEU C 26 -6.69 -22.41 16.49
C LEU C 26 -6.23 -22.66 15.06
N THR C 27 -7.19 -22.80 14.15
CA THR C 27 -6.89 -22.87 12.73
C THR C 27 -6.60 -21.47 12.20
N TYR C 28 -6.11 -21.41 10.96
CA TYR C 28 -5.87 -20.11 10.34
C TYR C 28 -7.16 -19.32 10.23
N ARG C 29 -8.23 -19.94 9.75
CA ARG C 29 -9.51 -19.24 9.68
C ARG C 29 -9.93 -18.75 11.06
N GLN C 30 -9.89 -19.64 12.05
CA GLN C 30 -10.30 -19.28 13.40
C GLN C 30 -9.56 -18.03 13.88
N LEU C 31 -8.24 -18.02 13.73
CA LEU C 31 -7.46 -16.85 14.15
C LEU C 31 -7.87 -15.60 13.38
N ASP C 32 -8.17 -15.73 12.09
CA ASP C 32 -8.57 -14.57 11.30
C ASP C 32 -9.92 -14.05 11.78
N GLU C 33 -10.88 -14.94 12.00
CA GLU C 33 -12.21 -14.53 12.42
C GLU C 33 -12.15 -13.80 13.76
N LEU C 34 -11.43 -14.36 14.73
CA LEU C 34 -11.31 -13.71 16.03
C LEU C 34 -10.68 -12.34 15.90
N ALA C 35 -9.64 -12.22 15.08
CA ALA C 35 -9.00 -10.91 14.88
C ALA C 35 -9.94 -9.96 14.15
N GLY C 36 -10.66 -10.45 13.14
CA GLY C 36 -11.64 -9.61 12.49
C GLY C 36 -12.70 -9.09 13.44
N ARG C 37 -13.18 -9.95 14.34
CA ARG C 37 -14.16 -9.52 15.33
C ARG C 37 -13.57 -8.50 16.30
N LEU C 38 -12.38 -8.76 16.84
CA LEU C 38 -11.74 -7.79 17.71
C LEU C 38 -11.45 -6.49 16.97
N SER C 39 -11.08 -6.60 15.69
CA SER C 39 -10.86 -5.40 14.89
C SER C 39 -12.11 -4.55 14.81
N GLY C 40 -13.27 -5.18 14.60
CA GLY C 40 -14.51 -4.43 14.58
C GLY C 40 -14.73 -3.65 15.87
N ARG C 41 -14.40 -4.27 17.01
CA ARG C 41 -14.50 -3.54 18.27
C ARG C 41 -13.56 -2.35 18.29
N LEU C 42 -12.32 -2.54 17.81
CA LEU C 42 -11.37 -1.44 17.80
C LEU C 42 -11.85 -0.29 16.92
N ILE C 43 -12.40 -0.61 15.75
CA ILE C 43 -12.91 0.42 14.86
C ILE C 43 -14.07 1.16 15.51
N SER C 44 -14.88 0.45 16.29
CA SER C 44 -15.99 1.09 16.97
C SER C 44 -15.50 2.07 18.04
N ARG C 45 -14.50 1.66 18.82
CA ARG C 45 -13.99 2.55 19.86
C ARG C 45 -13.14 3.67 19.31
N GLY C 46 -13.02 3.78 17.98
CA GLY C 46 -12.37 4.92 17.37
C GLY C 46 -10.98 4.68 16.83
N VAL C 47 -10.55 3.43 16.73
CA VAL C 47 -9.21 3.13 16.22
C VAL C 47 -9.22 3.32 14.72
N ARG C 48 -8.43 4.28 14.24
CA ARG C 48 -8.35 4.61 12.83
C ARG C 48 -6.94 4.35 12.32
N ARG C 49 -6.78 4.37 11.00
CA ARG C 49 -5.48 4.17 10.39
C ARG C 49 -4.45 5.09 11.04
N GLY C 50 -3.25 4.55 11.27
CA GLY C 50 -2.17 5.31 11.87
C GLY C 50 -2.27 5.45 13.37
N ASP C 51 -3.43 5.22 13.96
CA ASP C 51 -3.54 5.22 15.41
C ASP C 51 -2.64 4.13 15.98
N ARG C 52 -2.30 4.28 17.26
CA ARG C 52 -1.45 3.32 17.94
C ARG C 52 -2.25 2.69 19.07
N VAL C 53 -2.24 1.36 19.13
CA VAL C 53 -3.00 0.60 20.11
C VAL C 53 -2.03 -0.14 21.00
N ALA C 54 -2.16 0.06 22.31
CA ALA C 54 -1.34 -0.66 23.28
C ALA C 54 -2.01 -2.00 23.60
N VAL C 55 -1.21 -3.06 23.61
CA VAL C 55 -1.69 -4.41 23.86
C VAL C 55 -0.88 -5.01 24.99
N MET C 56 -1.57 -5.49 26.03
CA MET C 56 -0.94 -6.05 27.21
C MET C 56 -1.71 -7.33 27.50
N MET C 57 -1.20 -8.45 26.98
CA MET C 57 -1.90 -9.72 27.06
C MET C 57 -0.97 -10.76 27.66
N ASP C 58 -1.51 -11.56 28.58
CA ASP C 58 -0.74 -12.63 29.20
C ASP C 58 -0.63 -13.83 28.29
N ARG C 59 -1.76 -14.30 27.75
CA ARG C 59 -1.81 -15.56 27.03
C ARG C 59 -1.28 -15.36 25.61
N SER C 60 -0.52 -16.36 25.14
CA SER C 60 0.11 -16.23 23.82
C SER C 60 -0.92 -16.24 22.71
N ALA C 61 -1.89 -17.15 22.77
CA ALA C 61 -2.93 -17.20 21.75
C ALA C 61 -3.64 -15.85 21.62
N ASP C 62 -3.99 -15.24 22.76
CA ASP C 62 -4.69 -13.97 22.72
C ASP C 62 -3.83 -12.87 22.11
N LEU C 63 -2.53 -12.87 22.40
CA LEU C 63 -1.67 -11.82 21.85
C LEU C 63 -1.75 -11.78 20.33
N LEU C 64 -1.71 -12.94 19.68
CA LEU C 64 -1.74 -12.94 18.21
C LEU C 64 -3.06 -12.37 17.70
N VAL C 65 -4.17 -12.72 18.36
CA VAL C 65 -5.45 -12.14 17.97
C VAL C 65 -5.38 -10.62 18.05
N ALA C 66 -4.96 -10.10 19.21
CA ALA C 66 -4.89 -8.67 19.40
C ALA C 66 -4.00 -8.01 18.35
N LEU C 67 -2.81 -8.54 18.15
CA LEU C 67 -1.88 -7.94 17.19
C LEU C 67 -2.50 -7.91 15.79
N LEU C 68 -2.98 -9.05 15.31
CA LEU C 68 -3.60 -9.10 13.99
C LEU C 68 -4.79 -8.15 13.90
N ALA C 69 -5.54 -8.01 14.99
CA ALA C 69 -6.68 -7.10 14.98
C ALA C 69 -6.25 -5.65 14.81
N VAL C 70 -5.20 -5.25 15.54
CA VAL C 70 -4.71 -3.88 15.40
C VAL C 70 -4.30 -3.59 13.97
N TRP C 71 -3.60 -4.52 13.34
CA TRP C 71 -3.19 -4.32 11.95
C TRP C 71 -4.39 -4.24 11.03
N LYS C 72 -5.47 -4.96 11.34
CA LYS C 72 -6.67 -4.91 10.51
C LYS C 72 -7.35 -3.55 10.58
N ALA C 73 -7.28 -2.88 11.73
CA ALA C 73 -7.77 -1.50 11.81
C ALA C 73 -6.86 -0.54 11.07
N GLY C 74 -5.64 -0.97 10.75
CA GLY C 74 -4.63 -0.09 10.19
C GLY C 74 -3.72 0.54 11.22
N ALA C 75 -3.88 0.19 12.50
CA ALA C 75 -3.12 0.79 13.58
C ALA C 75 -1.81 0.04 13.78
N ALA C 76 -0.99 0.55 14.69
CA ALA C 76 0.27 -0.05 15.08
C ALA C 76 0.19 -0.48 16.54
N TYR C 77 0.61 -1.70 16.84
CA TYR C 77 0.54 -2.21 18.21
C TYR C 77 1.78 -1.79 18.98
N VAL C 78 1.57 -1.43 20.24
CA VAL C 78 2.64 -1.02 21.17
C VAL C 78 2.72 -2.09 22.26
N PRO C 79 3.74 -2.93 22.28
CA PRO C 79 3.80 -3.99 23.31
C PRO C 79 4.03 -3.41 24.69
N VAL C 80 3.14 -3.75 25.62
CA VAL C 80 3.25 -3.36 27.02
C VAL C 80 3.28 -4.64 27.85
N ASP C 81 4.24 -4.73 28.76
CA ASP C 81 4.39 -5.89 29.62
C ASP C 81 3.71 -5.62 30.96
N ALA C 82 2.82 -6.53 31.37
CA ALA C 82 2.12 -6.36 32.64
C ALA C 82 3.11 -6.22 33.79
N ALA C 83 4.29 -6.84 33.67
CA ALA C 83 5.27 -6.79 34.76
C ALA C 83 5.85 -5.40 34.93
N TYR C 84 5.90 -4.60 33.86
CA TYR C 84 6.49 -3.28 33.95
C TYR C 84 5.73 -2.45 34.99
N PRO C 85 6.42 -1.56 35.71
CA PRO C 85 5.69 -0.68 36.65
C PRO C 85 4.68 0.19 35.93
N ALA C 86 3.68 0.64 36.68
CA ALA C 86 2.63 1.47 36.08
C ALA C 86 3.17 2.79 35.58
N ARG C 87 4.25 3.29 36.19
CA ARG C 87 4.90 4.49 35.65
C ARG C 87 5.41 4.22 34.24
N ARG C 88 6.17 3.15 34.05
CA ARG C 88 6.61 2.80 32.70
C ARG C 88 5.41 2.65 31.77
N VAL C 89 4.44 1.84 32.18
CA VAL C 89 3.29 1.56 31.30
C VAL C 89 2.60 2.87 30.91
N ALA C 90 2.41 3.77 31.88
CA ALA C 90 1.79 5.05 31.55
C ALA C 90 2.66 5.84 30.57
N PHE C 91 3.98 5.86 30.80
CA PHE C 91 4.87 6.58 29.90
C PHE C 91 4.84 5.99 28.49
N MET C 92 4.92 4.66 28.39
CA MET C 92 4.88 4.02 27.08
C MET C 92 3.60 4.36 26.35
N VAL C 93 2.48 4.45 27.08
CA VAL C 93 1.24 4.86 26.44
C VAL C 93 1.27 6.35 26.11
N ALA C 94 1.94 7.15 26.95
CA ALA C 94 1.98 8.59 26.71
C ALA C 94 2.81 8.90 25.47
N ASP C 95 4.01 8.32 25.37
CA ASP C 95 4.87 8.58 24.23
C ASP C 95 4.21 8.13 22.94
N SER C 96 3.64 6.92 22.93
CA SER C 96 3.00 6.42 21.72
C SER C 96 1.83 7.30 21.31
N GLY C 97 1.08 7.81 22.29
CA GLY C 97 -0.14 8.52 21.96
C GLY C 97 -1.28 7.59 21.62
N ALA C 98 -1.36 6.45 22.31
CA ALA C 98 -2.40 5.48 22.06
C ALA C 98 -3.66 5.86 22.83
N SER C 99 -4.80 5.85 22.15
CA SER C 99 -6.06 6.18 22.81
C SER C 99 -6.64 4.97 23.54
N LEU C 100 -6.46 3.77 22.99
CA LEU C 100 -7.07 2.57 23.54
C LEU C 100 -6.01 1.53 23.85
N MET C 101 -6.19 0.81 24.95
CA MET C 101 -5.29 -0.26 25.37
C MET C 101 -6.08 -1.55 25.48
N VAL C 102 -5.58 -2.59 24.84
CA VAL C 102 -6.21 -3.91 24.87
C VAL C 102 -5.57 -4.73 25.97
N CYS C 103 -6.38 -5.45 26.74
CA CYS C 103 -5.91 -6.15 27.92
C CYS C 103 -6.69 -7.45 28.09
N SER C 104 -6.19 -8.29 28.99
CA SER C 104 -6.91 -9.47 29.44
C SER C 104 -7.61 -9.16 30.76
N VAL C 105 -8.44 -10.09 31.21
CA VAL C 105 -9.07 -9.94 32.52
C VAL C 105 -8.01 -9.83 33.59
N ALA C 106 -6.93 -10.61 33.47
CA ALA C 106 -5.87 -10.57 34.46
C ALA C 106 -5.16 -9.23 34.46
N THR C 107 -4.96 -8.64 33.29
CA THR C 107 -4.16 -7.42 33.17
C THR C 107 -4.99 -6.14 33.21
N ARG C 108 -6.32 -6.23 33.24
CA ARG C 108 -7.13 -5.01 33.20
C ARG C 108 -6.79 -4.07 34.34
N ASP C 109 -6.36 -4.60 35.49
CA ASP C 109 -5.96 -3.73 36.60
C ASP C 109 -4.73 -2.89 36.24
N GLY C 110 -3.86 -3.41 35.38
CA GLY C 110 -2.65 -2.69 35.03
C GLY C 110 -2.88 -1.53 34.08
N VAL C 111 -4.01 -1.52 33.39
CA VAL C 111 -4.32 -0.46 32.42
C VAL C 111 -4.28 0.88 33.13
N PRO C 112 -3.45 1.83 32.69
CA PRO C 112 -3.37 3.11 33.42
C PRO C 112 -4.69 3.84 33.43
N GLU C 113 -4.84 4.71 34.42
CA GLU C 113 -6.06 5.51 34.53
C GLU C 113 -6.12 6.52 33.39
N GLY C 114 -7.34 6.74 32.89
CA GLY C 114 -7.56 7.65 31.79
C GLY C 114 -7.30 7.08 30.42
N ILE C 115 -7.11 5.76 30.32
CA ILE C 115 -6.93 5.07 29.05
C ILE C 115 -8.12 4.15 28.85
N GLU C 116 -8.79 4.26 27.72
CA GLU C 116 -9.87 3.33 27.42
C GLU C 116 -9.34 1.91 27.34
N SER C 117 -10.12 0.95 27.83
CA SER C 117 -9.71 -0.44 27.90
C SER C 117 -10.70 -1.30 27.13
N ILE C 118 -10.17 -2.19 26.30
CA ILE C 118 -10.91 -3.23 25.60
C ILE C 118 -10.30 -4.58 25.99
N VAL C 119 -11.15 -5.56 26.21
CA VAL C 119 -10.71 -6.90 26.58
C VAL C 119 -10.95 -7.86 25.43
N VAL C 120 -9.89 -8.54 24.99
CA VAL C 120 -10.02 -9.49 23.89
C VAL C 120 -11.00 -10.60 24.24
N ASP C 121 -10.96 -11.07 25.49
CA ASP C 121 -11.77 -12.21 25.89
C ASP C 121 -13.25 -11.95 25.59
N ALA C 122 -13.73 -10.77 25.98
CA ALA C 122 -15.13 -10.43 25.83
C ALA C 122 -15.65 -10.73 24.43
N ASP C 130 -20.66 -6.42 10.11
CA ASP C 130 -20.05 -5.33 9.36
C ASP C 130 -18.78 -5.81 8.66
N ALA C 131 -18.48 -5.22 7.50
CA ALA C 131 -17.33 -5.61 6.70
C ALA C 131 -16.43 -4.39 6.53
N SER C 132 -15.16 -4.53 6.91
CA SER C 132 -14.19 -3.46 6.77
C SER C 132 -13.15 -3.81 5.70
N ALA C 133 -12.62 -2.77 5.07
CA ALA C 133 -11.50 -2.89 4.15
C ALA C 133 -10.60 -1.69 4.40
N VAL C 134 -9.51 -1.89 5.12
CA VAL C 134 -8.60 -0.82 5.50
C VAL C 134 -7.41 -0.92 4.56
N THR C 135 -6.83 0.21 4.23
CA THR C 135 -5.69 0.25 3.32
C THR C 135 -4.41 0.32 4.14
N VAL C 136 -3.54 -0.68 3.94
CA VAL C 136 -2.27 -0.76 4.64
C VAL C 136 -1.17 -0.69 3.59
N ARG C 137 -0.10 0.01 3.91
CA ARG C 137 1.00 0.22 2.99
C ARG C 137 2.31 -0.18 3.66
N PRO C 138 3.30 -0.60 2.88
CA PRO C 138 4.56 -1.02 3.50
C PRO C 138 5.19 0.04 4.37
N GLY C 139 4.93 1.33 4.08
CA GLY C 139 5.48 2.39 4.90
C GLY C 139 4.78 2.61 6.22
N ASP C 140 3.51 2.24 6.31
CA ASP C 140 2.77 2.40 7.55
C ASP C 140 3.44 1.63 8.68
N LEU C 141 3.27 2.13 9.90
CA LEU C 141 3.90 1.51 11.06
C LEU C 141 3.15 0.25 11.48
N ALA C 142 3.91 -0.78 11.82
CA ALA C 142 3.36 -2.01 12.36
C ALA C 142 3.37 -2.03 13.88
N TYR C 143 4.44 -1.55 14.51
CA TYR C 143 4.49 -1.49 15.96
C TYR C 143 5.53 -0.47 16.40
N VAL C 144 5.46 -0.12 17.69
CA VAL C 144 6.36 0.83 18.33
C VAL C 144 6.93 0.14 19.57
N MET C 145 8.23 -0.13 19.54
CA MET C 145 8.91 -0.88 20.60
C MET C 145 9.74 0.05 21.46
N TYR C 146 9.62 -0.11 22.78
CA TYR C 146 10.29 0.74 23.74
C TYR C 146 11.46 0.00 24.38
N THR C 147 12.56 0.72 24.55
CA THR C 147 13.79 0.16 25.09
C THR C 147 13.57 -0.40 26.49
N THR C 153 15.56 6.94 30.04
CA THR C 153 14.15 6.80 29.72
C THR C 153 13.98 5.90 28.50
N PRO C 154 12.97 5.03 28.50
CA PRO C 154 12.77 4.16 27.34
C PRO C 154 12.53 4.97 26.09
N LYS C 155 13.04 4.48 24.97
CA LYS C 155 12.93 5.15 23.68
C LYS C 155 12.07 4.32 22.74
N GLY C 156 11.02 4.94 22.19
CA GLY C 156 10.10 4.25 21.31
C GLY C 156 10.58 4.14 19.88
N VAL C 157 10.81 2.90 19.43
CA VAL C 157 11.30 2.63 18.09
C VAL C 157 10.13 2.34 17.17
N ALA C 158 10.00 3.13 16.09
CA ALA C 158 8.89 3.01 15.16
C ALA C 158 9.30 2.09 14.00
N VAL C 159 8.68 0.93 13.92
CA VAL C 159 9.01 -0.10 12.94
C VAL C 159 7.93 -0.10 11.86
N PRO C 160 8.27 0.15 10.59
CA PRO C 160 7.27 0.03 9.52
C PRO C 160 7.01 -1.42 9.16
N HIS C 161 5.82 -1.65 8.58
CA HIS C 161 5.46 -3.00 8.16
C HIS C 161 6.54 -3.60 7.27
N ARG C 162 7.14 -2.76 6.43
CA ARG C 162 8.16 -3.25 5.51
C ARG C 162 9.28 -3.98 6.25
N SER C 163 9.77 -3.38 7.33
CA SER C 163 10.91 -3.95 8.03
C SER C 163 10.61 -5.35 8.54
N LEU C 164 9.43 -5.50 9.14
CA LEU C 164 9.05 -6.83 9.65
C LEU C 164 9.07 -7.85 8.52
N ALA C 165 8.56 -7.45 7.35
CA ALA C 165 8.54 -8.34 6.21
C ALA C 165 9.96 -8.80 5.89
N GLU C 166 10.92 -7.86 5.91
CA GLU C 166 12.29 -8.24 5.65
C GLU C 166 12.74 -9.28 6.67
N LEU C 167 12.39 -9.04 7.95
CA LEU C 167 12.84 -9.93 9.00
C LEU C 167 12.27 -11.32 8.83
N VAL C 168 10.98 -11.42 8.54
CA VAL C 168 10.43 -12.75 8.30
C VAL C 168 11.10 -13.38 7.08
N GLY C 169 11.35 -12.56 6.06
CA GLY C 169 12.06 -12.98 4.87
C GLY C 169 13.57 -12.98 5.01
N ALA C 174 12.89 -20.56 5.84
CA ALA C 174 11.71 -21.04 5.13
C ALA C 174 11.18 -22.31 5.78
N MET C 175 9.85 -22.39 5.95
CA MET C 175 9.22 -23.51 6.61
C MET C 175 8.21 -24.16 5.66
N GLU C 176 8.08 -25.48 5.77
CA GLU C 176 7.04 -26.16 5.03
C GLU C 176 5.72 -26.01 5.77
N PRO C 177 4.59 -26.01 5.06
CA PRO C 177 3.29 -26.00 5.76
C PRO C 177 3.16 -27.23 6.64
N GLY C 178 2.40 -27.08 7.72
CA GLY C 178 2.23 -28.14 8.69
C GLY C 178 3.46 -28.43 9.53
N GLU C 179 4.60 -27.85 9.22
CA GLU C 179 5.75 -27.89 10.12
C GLU C 179 5.39 -27.20 11.43
N ALA C 180 6.14 -27.51 12.48
CA ALA C 180 5.85 -27.00 13.81
C ALA C 180 7.08 -26.35 14.42
N VAL C 181 6.88 -25.18 15.01
CA VAL C 181 7.94 -24.42 15.67
C VAL C 181 7.58 -24.25 17.13
N LEU C 182 8.50 -24.61 18.02
CA LEU C 182 8.33 -24.40 19.45
C LEU C 182 8.80 -22.98 19.77
N MET C 183 7.93 -22.20 20.40
CA MET C 183 8.22 -20.81 20.69
C MET C 183 8.00 -20.52 22.16
N HIS C 184 9.01 -19.94 22.81
CA HIS C 184 8.82 -19.41 24.15
C HIS C 184 7.71 -18.36 24.13
N ALA C 185 7.12 -18.13 25.29
CA ALA C 185 6.00 -17.21 25.38
C ALA C 185 6.39 -15.85 24.85
N PRO C 186 5.55 -15.20 24.04
CA PRO C 186 5.91 -13.87 23.52
C PRO C 186 6.24 -12.88 24.62
N TYR C 187 7.14 -11.96 24.29
CA TYR C 187 7.62 -10.95 25.22
C TYR C 187 7.68 -9.58 24.54
N ALA C 188 7.70 -8.54 25.37
CA ALA C 188 7.96 -7.19 24.87
C ALA C 188 9.32 -7.09 24.20
N PHE C 189 10.25 -7.98 24.53
CA PHE C 189 11.58 -7.97 23.92
C PHE C 189 11.47 -8.16 22.41
N ASP C 190 12.38 -7.49 21.69
CA ASP C 190 12.27 -7.44 20.23
C ASP C 190 12.29 -8.82 19.61
N ALA C 191 13.19 -9.70 20.07
CA ALA C 191 13.30 -11.02 19.46
C ALA C 191 11.95 -11.71 19.41
N SER C 192 11.34 -11.90 20.59
CA SER C 192 10.11 -12.68 20.66
C SER C 192 9.02 -12.10 19.76
N MET C 193 8.97 -10.78 19.61
CA MET C 193 7.89 -10.17 18.84
C MET C 193 7.98 -10.52 17.37
N PHE C 194 9.20 -10.63 16.84
CA PHE C 194 9.35 -10.90 15.42
C PHE C 194 9.19 -12.38 15.11
N GLU C 195 9.56 -13.24 16.04
CA GLU C 195 9.60 -14.67 15.77
C GLU C 195 8.19 -15.25 15.59
N ILE C 196 7.24 -14.81 16.42
CA ILE C 196 5.91 -15.42 16.41
C ILE C 196 5.24 -15.34 15.05
N TRP C 197 5.63 -14.37 14.21
CA TRP C 197 5.03 -14.25 12.89
C TRP C 197 5.58 -15.29 11.93
N VAL C 198 6.88 -15.58 12.01
CA VAL C 198 7.54 -16.36 10.97
C VAL C 198 6.78 -17.63 10.63
N PRO C 199 6.35 -18.45 11.59
CA PRO C 199 5.62 -19.67 11.21
C PRO C 199 4.35 -19.40 10.41
N LEU C 200 3.66 -18.29 10.66
CA LEU C 200 2.36 -18.07 10.07
C LEU C 200 2.43 -17.61 8.62
N VAL C 201 3.53 -16.96 8.21
CA VAL C 201 3.65 -16.56 6.83
C VAL C 201 3.92 -17.74 5.92
N TRP C 202 4.46 -18.84 6.46
CA TRP C 202 4.79 -20.02 5.68
C TRP C 202 3.72 -21.10 5.75
N GLY C 203 2.66 -20.89 6.52
CA GLY C 203 1.64 -21.90 6.69
C GLY C 203 1.93 -22.93 7.76
N ALA C 204 3.03 -22.80 8.48
CA ALA C 204 3.38 -23.73 9.55
C ALA C 204 2.48 -23.44 10.76
N ARG C 205 2.76 -24.12 11.87
CA ARG C 205 1.99 -23.96 13.10
C ARG C 205 2.91 -23.53 14.23
N VAL C 206 2.40 -22.67 15.11
CA VAL C 206 3.14 -22.18 16.27
C VAL C 206 2.77 -23.05 17.46
N VAL C 207 3.77 -23.56 18.16
CA VAL C 207 3.57 -24.30 19.40
C VAL C 207 4.13 -23.47 20.54
N ILE C 208 3.27 -23.15 21.51
CA ILE C 208 3.63 -22.23 22.58
C ILE C 208 4.15 -23.04 23.75
N ALA C 209 5.39 -22.76 24.15
CA ALA C 209 6.00 -23.49 25.24
C ALA C 209 5.26 -23.18 26.53
N GLY C 210 5.06 -24.20 27.35
CA GLY C 210 4.43 -24.00 28.63
C GLY C 210 5.13 -22.91 29.41
N PRO C 211 4.36 -22.14 30.18
CA PRO C 211 4.98 -21.06 30.97
C PRO C 211 6.18 -21.57 31.75
N GLY C 212 7.26 -20.79 31.75
CA GLY C 212 8.49 -21.18 32.39
C GLY C 212 9.63 -21.34 31.40
N PRO C 213 10.85 -21.43 31.91
CA PRO C 213 12.01 -21.62 31.01
C PRO C 213 11.95 -22.95 30.30
N VAL C 214 12.33 -22.94 29.02
CA VAL C 214 12.44 -24.18 28.26
C VAL C 214 13.60 -25.01 28.80
N ASP C 215 13.33 -26.28 29.07
CA ASP C 215 14.33 -27.23 29.58
C ASP C 215 14.66 -28.28 28.53
N ALA C 216 15.68 -29.08 28.83
CA ALA C 216 16.08 -30.15 27.92
C ALA C 216 14.95 -31.14 27.69
N ARG C 217 14.17 -31.45 28.74
CA ARG C 217 13.08 -32.41 28.60
C ARG C 217 11.97 -31.84 27.71
N ARG C 218 11.70 -30.55 27.81
CA ARG C 218 10.67 -29.95 26.98
C ARG C 218 11.03 -30.04 25.50
N LEU C 219 12.31 -29.84 25.17
CA LEU C 219 12.76 -29.98 23.80
C LEU C 219 12.58 -31.41 23.31
N ARG C 220 12.96 -32.39 24.12
CA ARG C 220 12.78 -33.78 23.74
C ARG C 220 11.31 -34.13 23.57
N GLU C 221 10.43 -33.50 24.35
CA GLU C 221 9.00 -33.70 24.15
C GLU C 221 8.57 -33.18 22.79
N ALA C 222 9.07 -32.01 22.40
CA ALA C 222 8.64 -31.39 21.15
C ALA C 222 9.05 -32.21 19.93
N VAL C 223 10.31 -32.65 19.88
CA VAL C 223 10.76 -33.42 18.72
C VAL C 223 9.92 -34.66 18.55
N ALA C 224 9.51 -35.29 19.66
CA ALA C 224 8.66 -36.46 19.58
C ALA C 224 7.30 -36.12 18.98
N ALA C 225 6.78 -34.93 19.28
CA ALA C 225 5.53 -34.49 18.69
C ALA C 225 5.67 -34.12 17.22
N GLY C 226 6.89 -33.93 16.73
CA GLY C 226 7.13 -33.57 15.35
C GLY C 226 7.67 -32.16 15.16
N VAL C 227 7.93 -31.42 16.23
CA VAL C 227 8.52 -30.10 16.10
C VAL C 227 9.89 -30.23 15.46
N THR C 228 10.13 -29.45 14.40
CA THR C 228 11.42 -29.44 13.72
C THR C 228 12.25 -28.20 14.00
N ARG C 229 11.65 -27.13 14.54
CA ARG C 229 12.39 -25.91 14.80
C ARG C 229 12.03 -25.38 16.19
N ALA C 230 12.98 -24.66 16.80
CA ALA C 230 12.78 -24.09 18.13
C ALA C 230 13.35 -22.69 18.20
N TYR C 231 12.58 -21.78 18.82
CA TYR C 231 13.03 -20.43 19.12
C TYR C 231 13.14 -20.32 20.64
N LEU C 232 14.36 -20.20 21.15
CA LEU C 232 14.63 -20.30 22.57
C LEU C 232 15.28 -19.03 23.10
N THR C 233 15.11 -18.80 24.40
CA THR C 233 15.85 -17.74 25.06
C THR C 233 17.34 -18.10 25.00
N ALA C 234 18.18 -17.08 24.80
CA ALA C 234 19.62 -17.34 24.75
C ALA C 234 20.06 -18.10 25.99
N GLY C 235 19.49 -17.75 27.15
CA GLY C 235 19.85 -18.44 28.38
C GLY C 235 19.44 -19.90 28.35
N SER C 236 18.19 -20.19 27.96
CA SER C 236 17.71 -21.56 27.96
C SER C 236 18.53 -22.43 27.02
N PHE C 237 18.86 -21.92 25.82
CA PHE C 237 19.75 -22.64 24.94
C PHE C 237 21.08 -22.94 25.64
N ARG C 238 21.62 -21.92 26.30
CA ARG C 238 22.87 -22.07 27.03
C ARG C 238 22.77 -23.18 28.07
N ALA C 239 21.71 -23.16 28.87
CA ALA C 239 21.53 -24.17 29.91
C ALA C 239 21.47 -25.57 29.30
N VAL C 240 20.65 -25.75 28.28
CA VAL C 240 20.53 -27.06 27.64
C VAL C 240 21.87 -27.44 27.01
N ALA C 241 22.58 -26.47 26.44
CA ALA C 241 23.86 -26.77 25.82
C ALA C 241 24.81 -27.43 26.82
N GLU C 242 24.81 -26.97 28.06
CA GLU C 242 25.66 -27.60 29.07
C GLU C 242 25.02 -28.87 29.63
N GLU C 243 23.71 -28.85 29.85
CA GLU C 243 23.05 -30.00 30.46
C GLU C 243 22.98 -31.18 29.49
N SER C 244 22.53 -30.91 28.27
CA SER C 244 22.48 -31.97 27.26
C SER C 244 22.46 -31.38 25.86
N PRO C 245 23.63 -31.18 25.24
CA PRO C 245 23.64 -30.82 23.82
C PRO C 245 22.79 -31.76 22.99
N GLU C 246 22.73 -33.04 23.40
CA GLU C 246 22.00 -34.04 22.63
C GLU C 246 20.49 -33.78 22.61
N SER C 247 19.97 -33.06 23.60
CA SER C 247 18.53 -32.78 23.62
C SER C 247 18.13 -31.93 22.41
N PHE C 248 19.04 -31.10 21.91
CA PHE C 248 18.76 -30.33 20.72
C PHE C 248 18.57 -31.23 19.50
N ALA C 249 18.97 -32.49 19.59
CA ALA C 249 18.91 -33.39 18.45
C ALA C 249 17.46 -33.63 18.03
N GLY C 250 17.27 -33.77 16.72
CA GLY C 250 15.96 -33.86 16.13
C GLY C 250 15.48 -32.56 15.49
N LEU C 251 16.06 -31.43 15.89
CA LEU C 251 15.69 -30.12 15.39
C LEU C 251 16.62 -29.73 14.24
N ARG C 252 16.03 -29.27 13.13
CA ARG C 252 16.84 -28.80 12.01
C ARG C 252 17.39 -27.40 12.24
N GLU C 253 16.67 -26.55 12.98
CA GLU C 253 17.13 -25.19 13.22
C GLU C 253 16.71 -24.74 14.61
N VAL C 254 17.64 -24.15 15.35
CA VAL C 254 17.38 -23.53 16.65
C VAL C 254 17.83 -22.08 16.58
N GLN C 255 16.99 -21.17 17.05
CA GLN C 255 17.23 -19.73 16.94
C GLN C 255 17.10 -19.11 18.31
N THR C 256 18.08 -18.27 18.68
CA THR C 256 18.16 -17.67 20.00
C THR C 256 18.03 -16.16 19.91
N GLY C 257 17.44 -15.57 20.95
CA GLY C 257 17.26 -14.13 21.01
C GLY C 257 17.77 -13.56 22.32
N GLY C 258 18.39 -12.39 22.23
CA GLY C 258 18.98 -11.72 23.38
C GLY C 258 20.49 -11.57 23.20
N ASP C 259 21.22 -11.85 24.29
CA ASP C 259 22.68 -11.78 24.23
C ASP C 259 23.22 -12.97 23.46
N LEU C 260 24.18 -12.69 22.57
CA LEU C 260 24.79 -13.74 21.77
C LEU C 260 25.34 -14.85 22.66
N VAL C 261 24.90 -16.08 22.41
CA VAL C 261 25.26 -17.23 23.23
C VAL C 261 26.77 -17.42 23.17
N PRO C 262 27.40 -17.90 24.24
CA PRO C 262 28.84 -18.17 24.19
C PRO C 262 29.16 -19.14 23.06
N ALA C 263 30.27 -18.87 22.36
CA ALA C 263 30.64 -19.70 21.22
C ALA C 263 30.88 -21.15 21.66
N HIS C 264 31.33 -21.37 22.89
CA HIS C 264 31.56 -22.73 23.37
C HIS C 264 30.27 -23.53 23.35
N ALA C 265 29.19 -22.93 23.86
CA ALA C 265 27.90 -23.65 23.88
C ALA C 265 27.47 -24.03 22.48
N VAL C 266 27.60 -23.11 21.51
CA VAL C 266 27.21 -23.41 20.14
C VAL C 266 28.04 -24.57 19.60
N GLU C 267 29.32 -24.62 19.96
CA GLU C 267 30.19 -25.69 19.48
C GLU C 267 29.80 -27.03 20.09
N ARG C 268 29.37 -27.04 21.35
CA ARG C 268 28.90 -28.27 21.97
C ARG C 268 27.69 -28.83 21.24
N VAL C 269 26.72 -27.96 20.93
CA VAL C 269 25.50 -28.41 20.26
C VAL C 269 25.81 -28.96 18.87
N ARG C 270 26.81 -28.40 18.18
CA ARG C 270 27.12 -28.89 16.84
C ARG C 270 27.78 -30.26 16.90
N GLU C 271 28.63 -30.50 17.91
CA GLU C 271 29.24 -31.81 18.05
C GLU C 271 28.18 -32.87 18.31
N ALA C 272 27.16 -32.54 19.13
CA ALA C 272 26.08 -33.47 19.39
C ALA C 272 25.09 -33.54 18.23
N CYS C 273 24.77 -32.39 17.64
CA CYS C 273 23.81 -32.30 16.53
C CYS C 273 24.52 -31.62 15.38
N PRO C 274 25.26 -32.36 14.55
CA PRO C 274 25.95 -31.72 13.42
C PRO C 274 24.99 -31.15 12.39
N ARG C 275 23.78 -31.70 12.29
CA ARG C 275 22.85 -31.23 11.28
C ARG C 275 22.14 -29.94 11.67
N ALA C 276 22.07 -29.64 12.96
CA ALA C 276 21.29 -28.50 13.43
C ALA C 276 21.99 -27.19 13.05
N ARG C 277 21.20 -26.21 12.62
CA ARG C 277 21.66 -24.85 12.35
C ARG C 277 21.31 -23.97 13.54
N ILE C 278 22.31 -23.30 14.10
CA ILE C 278 22.12 -22.42 15.24
C ILE C 278 22.20 -20.98 14.74
N ARG C 279 21.19 -20.18 15.06
CA ARG C 279 21.14 -18.80 14.63
C ARG C 279 20.76 -17.93 15.82
N HIS C 280 21.15 -16.67 15.76
CA HIS C 280 20.83 -15.71 16.80
C HIS C 280 20.55 -14.40 16.11
N LEU C 281 19.57 -13.66 16.65
CA LEU C 281 19.18 -12.40 16.04
C LEU C 281 19.91 -11.25 16.72
N TYR C 282 20.71 -10.51 15.93
CA TYR C 282 21.37 -9.32 16.50
C TYR C 282 20.33 -8.37 17.13
N GLY C 283 19.25 -8.12 16.40
CA GLY C 283 18.02 -7.57 16.92
C GLY C 283 18.17 -6.22 17.62
N PRO C 284 18.96 -5.25 17.09
CA PRO C 284 18.62 -3.84 17.42
C PRO C 284 17.19 -3.65 16.96
N THR C 285 16.32 -3.19 17.85
CA THR C 285 14.98 -2.98 17.33
C THR C 285 15.09 -2.05 16.11
N GLU C 286 15.98 -1.09 16.22
CA GLU C 286 16.18 -0.06 15.21
C GLU C 286 16.51 -0.70 13.87
N ALA C 287 17.57 -1.50 13.85
CA ALA C 287 18.00 -2.20 12.64
C ALA C 287 17.99 -3.68 12.99
N THR C 288 17.25 -4.46 12.22
CA THR C 288 16.97 -5.85 12.57
C THR C 288 17.66 -6.79 11.60
N VAL C 289 18.48 -7.68 12.16
CA VAL C 289 19.33 -8.58 11.38
C VAL C 289 19.49 -9.92 12.09
N TRP C 290 19.58 -10.99 11.31
CA TRP C 290 19.76 -12.34 11.79
C TRP C 290 21.19 -12.81 11.52
N ALA C 291 21.82 -13.44 12.52
CA ALA C 291 23.19 -13.93 12.40
C ALA C 291 23.18 -15.46 12.45
N THR C 292 23.98 -16.07 11.58
CA THR C 292 24.10 -17.53 11.51
C THR C 292 25.51 -17.93 11.90
N TRP C 293 25.62 -18.87 12.85
CA TRP C 293 26.91 -19.39 13.27
C TRP C 293 27.49 -20.34 12.22
N HIS C 294 28.78 -20.20 11.94
CA HIS C 294 29.45 -21.05 10.98
C HIS C 294 30.86 -21.32 11.49
N LEU C 295 31.49 -22.36 10.97
CA LEU C 295 32.85 -22.67 11.36
C LEU C 295 33.83 -21.71 10.69
N LEU C 296 34.73 -21.14 11.48
CA LEU C 296 35.75 -20.23 10.97
C LEU C 296 36.90 -21.07 10.43
N GLU C 297 37.72 -20.46 9.58
CA GLU C 297 38.77 -21.20 8.87
C GLU C 297 39.71 -21.89 9.85
N GLY C 299 39.14 -24.65 11.23
CA GLY C 299 38.03 -25.32 11.88
C GLY C 299 38.18 -25.38 13.39
N ASP C 300 38.87 -24.38 13.94
CA ASP C 300 39.11 -24.34 15.38
C ASP C 300 37.89 -23.84 16.13
N VAL C 301 37.34 -22.70 15.71
CA VAL C 301 36.24 -22.06 16.40
C VAL C 301 35.08 -21.83 15.43
N MET C 302 33.93 -21.53 16.01
CA MET C 302 32.73 -21.16 15.28
C MET C 302 32.37 -19.75 15.70
N GLY C 303 32.01 -18.92 14.73
CA GLY C 303 31.72 -17.53 15.01
C GLY C 303 30.44 -17.10 14.33
N PRO C 304 29.79 -16.09 14.88
CA PRO C 304 28.57 -15.55 14.26
C PRO C 304 28.91 -14.88 12.94
N VAL C 305 28.07 -15.13 11.94
CA VAL C 305 28.23 -14.55 10.62
C VAL C 305 26.96 -13.77 10.30
N LEU C 306 27.15 -12.60 9.69
CA LEU C 306 26.04 -11.73 9.35
C LEU C 306 25.80 -11.77 7.86
N PRO C 307 24.56 -11.89 7.41
CA PRO C 307 24.30 -11.96 5.97
C PRO C 307 24.66 -10.65 5.28
N ILE C 308 25.33 -10.76 4.14
CA ILE C 308 25.75 -9.57 3.41
C ILE C 308 24.55 -8.78 2.96
N GLY C 309 23.51 -9.46 2.50
CA GLY C 309 22.31 -8.82 2.01
C GLY C 309 22.39 -8.43 0.53
N ARG C 316 21.61 -4.59 3.21
CA ARG C 316 23.00 -4.25 2.90
C ARG C 316 23.70 -3.70 4.14
N ALA C 317 24.94 -4.15 4.36
CA ALA C 317 25.72 -3.77 5.52
C ALA C 317 27.03 -3.14 5.10
N HIS C 318 27.51 -2.19 5.91
CA HIS C 318 28.76 -1.50 5.66
C HIS C 318 29.64 -1.58 6.89
N VAL C 319 30.94 -1.73 6.67
CA VAL C 319 31.95 -1.59 7.72
C VAL C 319 32.77 -0.36 7.37
N LEU C 320 32.66 0.68 8.19
CA LEU C 320 33.20 2.00 7.88
C LEU C 320 34.15 2.47 8.97
N ASP C 321 35.15 3.24 8.56
CA ASP C 321 36.10 3.83 9.49
C ASP C 321 35.50 5.12 10.06
N GLU C 322 36.31 5.89 10.79
CA GLU C 322 35.80 7.12 11.38
C GLU C 322 35.47 8.16 10.31
N SER C 323 36.12 8.09 9.15
CA SER C 323 35.84 9.00 8.05
C SER C 323 34.64 8.56 7.22
N LEU C 324 33.92 7.53 7.65
CA LEU C 324 32.77 6.98 6.92
C LEU C 324 33.16 6.42 5.56
N ARG C 325 34.44 6.14 5.37
CA ARG C 325 34.99 5.49 4.19
C ARG C 325 35.10 3.99 4.44
N PRO C 326 34.72 3.17 3.47
CA PRO C 326 34.67 1.72 3.74
C PRO C 326 36.05 1.17 4.08
N VAL C 327 36.09 0.29 5.08
CA VAL C 327 37.35 -0.29 5.52
C VAL C 327 37.77 -1.38 4.54
N GLY C 328 39.07 -1.68 4.53
CA GLY C 328 39.58 -2.73 3.69
C GLY C 328 39.24 -4.09 4.24
N PRO C 329 39.45 -5.12 3.42
CA PRO C 329 39.23 -6.48 3.92
C PRO C 329 40.20 -6.78 5.05
N GLY C 330 39.67 -7.42 6.10
CA GLY C 330 40.47 -7.70 7.27
C GLY C 330 40.60 -6.58 8.26
N VAL C 331 40.05 -5.41 7.96
CA VAL C 331 40.05 -4.28 8.89
C VAL C 331 38.81 -4.36 9.76
N VAL C 332 38.97 -3.99 11.03
CA VAL C 332 37.84 -3.92 11.94
C VAL C 332 37.28 -2.50 11.90
N GLY C 333 35.97 -2.39 11.76
CA GLY C 333 35.32 -1.09 11.73
C GLY C 333 33.94 -1.17 12.34
N GLU C 334 33.35 0.00 12.55
CA GLU C 334 31.98 0.05 13.06
C GLU C 334 31.00 -0.43 11.99
N LEU C 335 29.98 -1.15 12.42
CA LEU C 335 29.00 -1.72 11.52
C LEU C 335 27.85 -0.73 11.30
N TYR C 336 27.57 -0.42 10.04
CA TYR C 336 26.40 0.33 9.64
C TYR C 336 25.49 -0.57 8.81
N LEU C 337 24.19 -0.48 9.05
CA LEU C 337 23.20 -1.31 8.36
C LEU C 337 22.28 -0.42 7.53
N SER C 338 22.14 -0.76 6.24
CA SER C 338 21.22 -0.06 5.35
C SER C 338 20.33 -1.09 4.66
N GLY C 339 19.04 -0.81 4.62
CA GLY C 339 18.10 -1.74 4.01
C GLY C 339 16.68 -1.33 4.32
N ALA C 340 15.75 -2.20 3.92
CA ALA C 340 14.35 -1.98 4.27
C ALA C 340 14.07 -2.29 5.73
N GLY C 341 14.95 -3.05 6.39
CA GLY C 341 14.75 -3.39 7.77
C GLY C 341 14.92 -2.23 8.73
N LEU C 342 15.50 -1.13 8.28
CA LEU C 342 15.75 -0.01 9.19
C LEU C 342 14.44 0.60 9.66
N ALA C 343 14.38 0.93 10.94
CA ALA C 343 13.22 1.60 11.50
C ALA C 343 13.17 3.05 11.04
N ASP C 344 11.98 3.64 11.11
CA ASP C 344 11.84 5.04 10.73
C ASP C 344 12.60 5.96 11.66
N GLY C 345 12.65 5.61 12.94
CA GLY C 345 13.37 6.42 13.90
C GLY C 345 12.83 6.23 15.31
N TYR C 346 13.29 7.09 16.20
CA TYR C 346 12.85 7.08 17.59
C TYR C 346 11.71 8.08 17.73
N LEU C 347 10.55 7.60 18.15
CA LEU C 347 9.37 8.45 18.24
C LEU C 347 9.65 9.62 19.19
N ASN C 348 9.37 10.83 18.69
CA ASN C 348 9.53 12.08 19.43
C ASN C 348 10.97 12.41 19.79
N ARG C 349 11.94 11.83 19.07
CA ARG C 349 13.36 12.13 19.27
C ARG C 349 13.99 12.39 17.90
N ALA C 350 13.63 13.54 17.30
CA ALA C 350 14.17 13.87 15.99
C ALA C 350 15.69 14.03 16.04
N GLY C 351 16.20 14.73 17.05
CA GLY C 351 17.64 14.91 17.16
C GLY C 351 18.38 13.59 17.31
N LEU C 352 17.86 12.71 18.17
CA LEU C 352 18.51 11.40 18.34
C LEU C 352 18.42 10.58 17.06
N THR C 353 17.27 10.61 16.39
CA THR C 353 17.12 9.89 15.13
C THR C 353 18.11 10.38 14.09
N ALA C 354 18.34 11.70 14.04
CA ALA C 354 19.21 12.26 13.01
C ALA C 354 20.66 11.86 13.20
N GLU C 355 21.10 11.68 14.44
CA GLU C 355 22.48 11.29 14.69
C GLU C 355 22.70 9.79 14.56
N ARG C 356 21.67 8.97 14.82
CA ARG C 356 21.83 7.53 14.69
C ARG C 356 21.53 7.03 13.27
N PHE C 357 20.48 7.54 12.64
CA PHE C 357 20.10 7.13 11.29
C PHE C 357 20.68 8.15 10.30
N VAL C 358 21.99 8.04 10.10
CA VAL C 358 22.70 8.98 9.25
C VAL C 358 22.51 8.61 7.78
N ALA C 359 22.81 9.57 6.91
CA ALA C 359 22.71 9.34 5.48
C ALA C 359 23.72 8.30 5.03
N ASP C 360 23.34 7.51 4.02
CA ASP C 360 24.20 6.48 3.47
C ASP C 360 24.81 6.99 2.18
N PRO C 361 26.13 7.21 2.10
CA PRO C 361 26.71 7.66 0.82
C PRO C 361 26.53 6.66 -0.30
N SER C 362 26.48 5.37 0.02
CA SER C 362 26.40 4.35 -1.03
C SER C 362 25.04 4.35 -1.71
N ALA C 363 23.97 4.58 -0.94
CA ALA C 363 22.61 4.50 -1.46
C ALA C 363 22.03 5.90 -1.52
N PRO C 364 21.60 6.40 -2.69
CA PRO C 364 21.09 7.77 -2.75
C PRO C 364 19.82 7.95 -1.94
N GLY C 365 19.75 9.07 -1.22
CA GLY C 365 18.58 9.39 -0.44
C GLY C 365 18.19 8.33 0.57
N LYS C 366 19.14 7.50 0.98
CA LYS C 366 18.90 6.39 1.89
C LYS C 366 19.67 6.63 3.19
N ARG C 367 19.33 5.85 4.20
CA ARG C 367 19.96 5.99 5.51
C ARG C 367 20.64 4.70 5.91
N MET C 368 21.65 4.84 6.76
CA MET C 368 22.34 3.73 7.39
C MET C 368 22.33 3.96 8.89
N TYR C 369 22.21 2.87 9.65
CA TYR C 369 22.10 2.93 11.10
C TYR C 369 23.41 2.53 11.77
N ARG C 370 23.86 3.34 12.73
CA ARG C 370 25.08 3.03 13.47
C ARG C 370 24.78 1.95 14.49
N THR C 371 25.37 0.76 14.31
CA THR C 371 25.15 -0.31 15.28
C THR C 371 25.88 -0.03 16.59
N GLY C 372 26.99 0.70 16.53
CA GLY C 372 27.88 0.82 17.68
C GLY C 372 28.69 -0.42 17.97
N ASP C 373 28.62 -1.43 17.12
CA ASP C 373 29.34 -2.67 17.30
C ASP C 373 30.45 -2.78 16.25
N LEU C 374 31.60 -3.31 16.66
CA LEU C 374 32.71 -3.51 15.74
C LEU C 374 32.48 -4.76 14.91
N ALA C 375 32.95 -4.73 13.67
CA ALA C 375 32.81 -5.85 12.75
C ALA C 375 33.98 -5.81 11.77
N GLN C 376 34.12 -6.89 11.01
CA GLN C 376 35.20 -7.00 10.03
C GLN C 376 34.80 -7.96 8.92
N TRP C 377 35.39 -7.75 7.75
CA TRP C 377 35.13 -8.58 6.58
C TRP C 377 36.18 -9.67 6.50
N THR C 378 35.73 -10.91 6.33
CA THR C 378 36.65 -12.02 6.16
C THR C 378 37.22 -12.03 4.74
N ALA C 379 38.32 -12.77 4.58
CA ALA C 379 38.85 -12.99 3.23
C ALA C 379 37.79 -13.61 2.33
N ASP C 380 36.91 -14.43 2.91
CA ASP C 380 35.81 -15.02 2.17
C ASP C 380 34.76 -13.99 1.77
N GLY C 381 34.69 -12.87 2.47
CA GLY C 381 33.65 -11.89 2.26
C GLY C 381 32.47 -12.01 3.19
N GLU C 382 32.48 -12.97 4.10
CA GLU C 382 31.43 -13.10 5.10
C GLU C 382 31.61 -12.02 6.16
N LEU C 383 30.52 -11.41 6.59
CA LEU C 383 30.60 -10.38 7.61
C LEU C 383 30.75 -11.04 8.98
N LEU C 384 31.75 -10.63 9.74
CA LEU C 384 32.08 -11.24 11.02
C LEU C 384 31.86 -10.22 12.13
N PHE C 385 31.09 -10.62 13.14
CA PHE C 385 30.77 -9.72 14.24
C PHE C 385 31.89 -9.65 15.26
N ALA C 386 31.98 -8.49 15.91
CA ALA C 386 32.94 -8.29 16.99
C ALA C 386 32.58 -7.04 17.79
N THR D 2 36.46 6.80 18.15
CA THR D 2 35.23 7.56 18.31
C THR D 2 34.49 7.67 16.98
N ASN D 3 33.16 7.74 17.06
CA ASN D 3 32.34 7.88 15.86
C ASN D 3 32.32 9.34 15.44
N PRO D 4 32.46 9.64 14.14
CA PRO D 4 32.36 11.03 13.70
C PRO D 4 31.13 11.74 14.23
N PHE D 5 29.99 11.04 14.28
CA PHE D 5 28.74 11.64 14.72
C PHE D 5 28.67 11.84 16.23
N ASP D 6 29.59 11.25 16.99
CA ASP D 6 29.63 11.48 18.43
C ASP D 6 30.55 12.63 18.82
N ASN D 7 31.60 12.89 18.03
CA ASN D 7 32.60 13.87 18.43
C ASN D 7 31.96 15.24 18.66
N GLU D 8 32.25 15.82 19.83
CA GLU D 8 31.72 17.14 20.15
C GLU D 8 32.59 18.26 19.59
N ASP D 9 33.88 18.01 19.42
CA ASP D 9 34.77 19.02 18.84
C ASP D 9 34.54 19.22 17.35
N GLY D 10 33.62 18.48 16.74
CA GLY D 10 33.47 18.51 15.31
C GLY D 10 32.41 19.49 14.83
N SER D 11 32.67 20.08 13.66
CA SER D 11 31.66 20.86 12.96
C SER D 11 30.77 19.93 12.15
N PHE D 12 29.47 20.22 12.15
CA PHE D 12 28.49 19.32 11.57
C PHE D 12 27.53 20.07 10.66
N LEU D 13 26.83 19.29 9.85
CA LEU D 13 25.86 19.77 8.88
C LEU D 13 24.56 19.03 9.10
N VAL D 14 23.45 19.65 8.72
CA VAL D 14 22.15 19.01 8.75
C VAL D 14 21.72 18.79 7.31
N LEU D 15 21.46 17.53 6.97
CA LEU D 15 21.02 17.14 5.64
C LEU D 15 19.58 16.66 5.72
N VAL D 16 18.84 16.86 4.64
CA VAL D 16 17.44 16.45 4.56
C VAL D 16 17.24 15.79 3.20
N ASN D 17 16.63 14.61 3.20
CA ASN D 17 16.38 13.86 1.98
C ASN D 17 14.98 14.16 1.47
N GLY D 18 14.59 13.47 0.39
CA GLY D 18 13.30 13.71 -0.23
C GLY D 18 12.13 13.38 0.65
N GLU D 19 12.32 12.49 1.62
CA GLU D 19 11.25 12.09 2.53
C GLU D 19 11.18 12.95 3.77
N GLY D 20 11.88 14.08 3.79
CA GLY D 20 11.90 14.97 4.94
C GLY D 20 12.71 14.49 6.10
N GLN D 21 13.38 13.35 5.98
CA GLN D 21 14.19 12.80 7.07
C GLN D 21 15.49 13.58 7.20
N HIS D 22 15.87 13.88 8.44
CA HIS D 22 17.04 14.69 8.71
C HIS D 22 18.20 13.80 9.16
N SER D 23 19.41 14.21 8.80
CA SER D 23 20.62 13.51 9.21
C SER D 23 21.71 14.51 9.54
N LEU D 24 22.38 14.29 10.67
CA LEU D 24 23.66 14.97 10.90
C LEU D 24 24.69 14.46 9.90
N TRP D 25 25.62 15.35 9.53
CA TRP D 25 26.66 14.96 8.59
C TRP D 25 27.97 15.64 8.97
N PRO D 26 29.08 14.90 8.94
CA PRO D 26 30.37 15.52 9.25
C PRO D 26 30.72 16.56 8.20
N ALA D 27 31.31 17.67 8.64
CA ALA D 27 31.61 18.76 7.72
C ALA D 27 32.67 18.37 6.69
N PHE D 28 33.52 17.39 6.98
CA PHE D 28 34.53 17.01 6.00
C PHE D 28 33.97 16.16 4.86
N ALA D 29 32.80 15.56 5.04
CA ALA D 29 32.24 14.68 4.03
C ALA D 29 31.51 15.47 2.95
N GLU D 30 31.65 15.01 1.71
CA GLU D 30 30.83 15.55 0.63
C GLU D 30 29.38 15.16 0.86
N VAL D 31 28.47 16.07 0.53
CA VAL D 31 27.05 15.82 0.74
C VAL D 31 26.62 14.65 -0.14
N PRO D 32 26.05 13.59 0.43
CA PRO D 32 25.71 12.42 -0.37
C PRO D 32 24.62 12.72 -1.39
N ASP D 33 24.58 11.87 -2.42
CA ASP D 33 23.52 11.97 -3.42
C ASP D 33 22.16 11.74 -2.77
N GLY D 34 21.15 12.47 -3.26
CA GLY D 34 19.82 12.40 -2.70
C GLY D 34 19.63 13.15 -1.41
N TRP D 35 20.63 13.90 -0.97
CA TRP D 35 20.57 14.67 0.27
C TRP D 35 20.98 16.11 -0.02
N THR D 36 20.29 17.05 0.60
CA THR D 36 20.57 18.47 0.43
C THR D 36 20.82 19.09 1.80
N GLY D 37 21.82 19.97 1.86
CA GLY D 37 22.13 20.65 3.10
C GLY D 37 21.16 21.78 3.38
N VAL D 38 20.88 21.96 4.67
CA VAL D 38 19.89 22.95 5.10
C VAL D 38 20.35 23.81 6.26
N HIS D 39 21.42 23.45 6.98
CA HIS D 39 21.88 24.22 8.13
C HIS D 39 23.39 24.19 8.16
N GLY D 40 24.01 25.36 8.07
CA GLY D 40 25.43 25.49 7.82
C GLY D 40 26.32 24.77 8.79
N PRO D 41 27.62 24.73 8.50
CA PRO D 41 28.58 24.14 9.45
C PRO D 41 28.40 24.75 10.83
N ALA D 42 28.14 23.91 11.83
CA ALA D 42 27.87 24.41 13.17
C ALA D 42 28.15 23.29 14.17
N SER D 43 28.04 23.64 15.44
CA SER D 43 28.34 22.68 16.50
C SER D 43 27.37 21.51 16.44
N ARG D 44 27.79 20.39 17.04
CA ARG D 44 26.91 19.23 17.16
C ARG D 44 25.60 19.63 17.82
N GLN D 45 25.68 20.41 18.91
CA GLN D 45 24.48 20.81 19.63
C GLN D 45 23.59 21.69 18.76
N ASP D 46 24.19 22.69 18.10
CA ASP D 46 23.39 23.57 17.25
C ASP D 46 22.66 22.78 16.18
N CYS D 47 23.34 21.83 15.54
CA CYS D 47 22.69 21.02 14.51
C CYS D 47 21.54 20.21 15.08
N LEU D 48 21.78 19.52 16.20
CA LEU D 48 20.71 18.78 16.85
C LEU D 48 19.55 19.71 17.19
N GLY D 49 19.85 20.90 17.69
CA GLY D 49 18.80 21.87 17.94
C GLY D 49 17.95 22.14 16.71
N TYR D 50 18.60 22.39 15.57
CA TYR D 50 17.87 22.64 14.34
C TYR D 50 16.97 21.46 13.99
N VAL D 51 17.47 20.23 14.22
CA VAL D 51 16.68 19.05 13.90
C VAL D 51 15.45 18.97 14.79
N GLU D 52 15.64 19.12 16.11
CA GLU D 52 14.52 19.06 17.03
C GLU D 52 13.47 20.13 16.72
N GLN D 53 13.90 21.27 16.15
CA GLN D 53 12.97 22.34 15.85
C GLN D 53 12.20 22.08 14.55
N ASN D 54 12.91 21.70 13.49
CA ASN D 54 12.34 21.69 12.15
C ASN D 54 11.81 20.33 11.72
N TRP D 55 12.37 19.24 12.24
CA TRP D 55 11.90 17.89 11.92
C TRP D 55 10.79 17.55 12.92
N THR D 56 9.58 18.01 12.62
CA THR D 56 8.49 17.88 13.57
C THR D 56 7.83 16.51 13.51
N ASP D 57 7.64 15.97 12.31
CA ASP D 57 6.99 14.68 12.12
C ASP D 57 7.99 13.68 11.55
N LEU D 58 8.38 12.71 12.37
CA LEU D 58 9.29 11.65 11.94
C LEU D 58 8.50 10.58 11.19
N ARG D 59 7.97 10.97 10.03
CA ARG D 59 7.26 10.02 9.19
C ARG D 59 7.52 10.41 7.73
N PRO D 60 7.81 9.43 6.87
CA PRO D 60 8.15 9.77 5.48
C PRO D 60 7.07 10.59 4.82
N LYS D 61 7.51 11.50 3.93
CA LYS D 61 6.57 12.36 3.22
C LYS D 61 5.74 11.58 2.21
N SER D 62 6.30 10.50 1.66
CA SER D 62 5.60 9.75 0.62
C SER D 62 4.26 9.20 1.10
N LEU D 63 3.98 9.23 2.40
CA LEU D 63 2.72 8.74 2.93
C LEU D 63 1.81 9.88 3.37
N ILE D 64 1.99 11.07 2.80
CA ILE D 64 1.23 12.26 3.19
C ILE D 64 1.27 12.44 4.70
#